data_7Y36
#
_entry.id   7Y36
#
_cell.length_a   1.00
_cell.length_b   1.00
_cell.length_c   1.00
_cell.angle_alpha   90.00
_cell.angle_beta   90.00
_cell.angle_gamma   90.00
#
_symmetry.space_group_name_H-M   'P 1'
#
loop_
_entity.id
_entity.type
_entity.pdbx_description
1 polymer 'Parathyroid hormone/parathyroid hormone-related peptide receptor'
2 polymer 'Parathyroid hormone'
3 polymer 'Isoform Gnas-2 of Guanine nucleotide-binding protein G(s) subunit alpha isoforms short'
4 polymer 'Guanine nucleotide-binding protein G(I)/G(S)/G(T) subunit beta-1'
5 polymer 'Guanine nucleotide-binding protein G(I)/G(S)/G(O) subunit gamma-2'
6 polymer 'NanoBody 35'
#
loop_
_entity_poly.entity_id
_entity_poly.type
_entity_poly.pdbx_seq_one_letter_code
_entity_poly.pdbx_strand_id
1 'polypeptide(L)'
;DADDVMTKEEQIFLLHRAQAQCEKRLKEVLQRPASIMESDKGWTSASTSGKPRKDKASGKLYPESEEDKEAPTGSRYRGR
PCLPEWDHILCWPLGAPGEVVAVPCPDYIYDFNHKGHAYRRCDRNGSWELVPGHNRTWANYSECVKFLTNETREREVFDR
LAMIYTVGYSVSLASLTVAVLILAYFRRLHCTRNYIHMHLFLSFMLRAVSIFVKDAVLYSGATLDEAERLTEEELRAIAQ
APPPPATAAAGYAGCRVAVTFFLYFLATNYYWILVEGLYLHSLIFMAFFSEKKYLWGFTVFGWGLPAVFVAVWVSVRATL
ANTGCWDLSSGNKKWIIQVPILASIVLNFILFINIVRVLATKLRETNAGRCDTRQQYRKLLKSTLVLMPLFGVHYIVFMA
TPYTEVSGTLWQVQMHYEMLFNSFQGFFVAIIYCFCNGEVQAEIKKSWSRWTLALDFKRKARSGSSSYSYGPMVSHTSVT
NVGPRVGLGLPLSPRLLPTATTNGHPQLPGHAKPGTPALETLETTPPAMAAPKDDGFLNGSCSGLDEEASGPERPPALLQ
EEWETVMEFVFTLEDFVGDWEQTAAYNLDQVLEQGGVSSLLQNLAVSVTPIQRIVRSGENALKIDIHVIIPYEGLSADQM
AQIEEVFKVVYPVDDHHFKVILPYGTLVIDGVTPNMLNYFGRPYEGIAVFDGKKITVTGTLWNGNKIIDERLITPDGSML
FRVTINS
;
R
2 'polypeptide(L)' SVSEIQLMHNLGKHLNSMERVEWLRKKLQDVHNF P
3 'polypeptide(L)'
;MGCLGNSKTEDQRNEEKAQREANKKIEKQLQKDKQVYRATHRLLLLGAGESGKSTIVKQMRILHVNGFNGDSEKATKVQD
IKNNLKEAIETIVAAMSNLVPPVELANPENQFRVDYILSVMNVPDFDFPPEFYEHAKALWEDEGVRACYERSNEYQLIDC
AQYFLDKIDVIKQADYVPSDQDLLRCRVLTSGIFETKFQVDKVNFHMFDVGAQRDERRKWIQCFNDVTAIIFVVASSSYN
MVIREDNQTNRLQAALKLFDSIWNNKWLRDTSVILFLNKQDLLAEKVLAGKSKIEDYFPEFARYTTPEDATPEPGEDPRV
TRAKYFIRDEFLRISTASGDGRHYCYPHFTCAVDTENIRRVFNDCRDIIQRMHLRQYELL
;
A
4 'polypeptide(L)'
;MHHHHHHLEVLFQGPSELDQLRQEAEQLKNQIRDARKACADATLSQITNNIDPVGRIQMRTRRTLRGHLAKIYAMHWGTD
SRLLVSASQDGKLIIWDSYTTNKVHAIPLRSSWVMTCAYAPSGNYVACGGLDNICSIYNLKTREGNVRVSRELAGHTGYL
SCCRFLDDNQIVTSSGDTTCALWDIETGQQTTTFTGHTGDVMSLSLAPDTRLFVSGACDASAKLWDVREGMCRQTFTGHE
SDINAICFFPNGNAFATGSDDATCRLFDLRADQELMTYSHDNIICGITSVSFSKSGRLLLAGYDDFNCNVWDALKADRAG
VLAGHDNRVSCLGVTDDGMAVATGSWDSFLKIWNGSSGGGGSGGGGSSGVSGWRLFKKIS
;
B
5 'polypeptide(L)' ASNNTASIAQARKLVEQLKMEANIDRIKVSKAAADLMAYCEAHAKEDPLLTPVPASENPFREKKFFCAIL G
6 'polypeptide(L)'
;QVQLQESGGGLVQPGGSLRLSCAASGFTFSNYKMNWVRQAPGKGLEWVSDISQSGASISYTGSVKGRFTISRDNAKNTLY
LQMNSLKPEDTAVYYCARCPAPFTRDCFDVTSTTYAYRGQGTQVTV
;
N
#
# COMPACT_ATOMS: atom_id res chain seq x y z
N VAL A 5 -29.39 -32.62 -40.80
CA VAL A 5 -29.87 -32.04 -42.05
C VAL A 5 -31.38 -31.85 -42.00
N MET A 6 -32.06 -32.75 -41.28
CA MET A 6 -33.50 -32.66 -41.06
C MET A 6 -33.79 -32.89 -39.59
N THR A 7 -34.75 -32.14 -39.04
CA THR A 7 -35.29 -32.44 -37.73
C THR A 7 -36.39 -33.50 -37.82
N LYS A 8 -36.78 -34.02 -36.67
CA LYS A 8 -37.88 -34.98 -36.62
C LYS A 8 -39.10 -34.44 -37.32
N GLU A 9 -39.46 -33.18 -37.06
CA GLU A 9 -40.64 -32.58 -37.69
C GLU A 9 -40.43 -32.41 -39.19
N GLU A 10 -39.23 -31.99 -39.60
CA GLU A 10 -38.95 -31.80 -41.02
C GLU A 10 -39.03 -33.12 -41.78
N GLN A 11 -38.48 -34.19 -41.20
CA GLN A 11 -38.55 -35.50 -41.86
C GLN A 11 -39.98 -36.02 -41.90
N ILE A 12 -40.76 -35.78 -40.85
CA ILE A 12 -42.18 -36.15 -40.87
C ILE A 12 -42.91 -35.40 -41.97
N PHE A 13 -42.64 -34.10 -42.11
CA PHE A 13 -43.21 -33.33 -43.21
C PHE A 13 -42.87 -33.96 -44.56
N LEU A 14 -41.60 -34.26 -44.79
CA LEU A 14 -41.19 -34.81 -46.08
C LEU A 14 -41.94 -36.09 -46.41
N LEU A 15 -42.15 -36.96 -45.41
CA LEU A 15 -42.91 -38.18 -45.66
C LEU A 15 -44.36 -37.86 -46.02
N HIS A 16 -45.04 -37.03 -45.23
CA HIS A 16 -46.44 -36.76 -45.48
C HIS A 16 -46.63 -35.94 -46.75
N ARG A 17 -45.67 -35.08 -47.06
CA ARG A 17 -45.72 -34.35 -48.32
C ARG A 17 -45.73 -35.30 -49.52
N ALA A 18 -44.83 -36.28 -49.52
CA ALA A 18 -44.87 -37.32 -50.55
C ALA A 18 -46.16 -38.10 -50.49
N GLN A 19 -46.66 -38.38 -49.29
CA GLN A 19 -47.95 -39.06 -49.15
C GLN A 19 -49.05 -38.29 -49.87
N ALA A 20 -49.15 -36.98 -49.62
CA ALA A 20 -50.18 -36.18 -50.26
C ALA A 20 -49.99 -36.14 -51.77
N GLN A 21 -48.74 -36.03 -52.23
CA GLN A 21 -48.48 -36.01 -53.66
C GLN A 21 -48.84 -37.35 -54.31
N CYS A 22 -48.52 -38.46 -53.64
CA CYS A 22 -48.90 -39.77 -54.16
C CYS A 22 -50.40 -40.00 -54.03
N GLU A 23 -51.00 -39.48 -52.96
CA GLU A 23 -52.44 -39.67 -52.78
C GLU A 23 -53.22 -39.24 -54.01
N LYS A 24 -52.87 -38.09 -54.60
CA LYS A 24 -53.49 -37.69 -55.86
C LYS A 24 -53.23 -38.71 -56.95
N ARG A 25 -51.96 -39.10 -57.14
CA ARG A 25 -51.62 -40.05 -58.19
C ARG A 25 -52.22 -41.43 -57.91
N LEU A 26 -52.23 -41.85 -56.65
CA LEU A 26 -52.73 -43.18 -56.30
C LEU A 26 -54.22 -43.29 -56.59
N LYS A 27 -54.99 -42.26 -56.26
CA LYS A 27 -56.42 -42.28 -56.56
C LYS A 27 -56.67 -42.30 -58.06
N GLU A 28 -55.89 -41.53 -58.84
CA GLU A 28 -56.07 -41.52 -60.28
C GLU A 28 -55.78 -42.89 -60.90
N VAL A 29 -54.79 -43.61 -60.38
CA VAL A 29 -54.44 -44.91 -60.93
C VAL A 29 -55.31 -46.01 -60.33
N LEU A 30 -55.47 -46.00 -59.00
CA LEU A 30 -56.18 -47.09 -58.33
C LEU A 30 -57.65 -47.12 -58.69
N GLN A 31 -58.23 -45.97 -59.04
CA GLN A 31 -59.63 -45.95 -59.45
C GLN A 31 -59.80 -46.25 -60.94
N ARG A 32 -58.70 -46.47 -61.66
CA ARG A 32 -58.73 -46.75 -63.10
C ARG A 32 -57.72 -47.84 -63.43
N GLY A 79 -55.72 -54.55 -66.75
CA GLY A 79 -54.88 -55.73 -66.74
C GLY A 79 -54.86 -56.42 -65.39
N ARG A 80 -53.73 -57.06 -65.11
CA ARG A 80 -53.51 -57.79 -63.85
C ARG A 80 -52.12 -57.47 -63.31
N PRO A 81 -51.69 -56.20 -63.37
CA PRO A 81 -50.48 -55.82 -62.65
C PRO A 81 -50.72 -55.62 -61.16
N CYS A 82 -49.65 -55.52 -60.39
CA CYS A 82 -49.79 -55.18 -58.98
C CYS A 82 -49.85 -53.67 -58.82
N LEU A 83 -50.99 -53.17 -58.34
CA LEU A 83 -51.21 -51.74 -58.36
C LEU A 83 -50.32 -51.04 -57.33
N PRO A 84 -49.93 -49.79 -57.60
CA PRO A 84 -49.15 -49.03 -56.62
C PRO A 84 -49.87 -48.97 -55.28
N GLU A 85 -49.11 -49.05 -54.21
CA GLU A 85 -49.67 -48.98 -52.86
C GLU A 85 -48.86 -48.01 -52.02
N TRP A 86 -49.50 -47.45 -51.01
CA TRP A 86 -48.87 -46.63 -49.98
C TRP A 86 -48.70 -47.48 -48.73
N ASP A 87 -47.45 -47.75 -48.36
CA ASP A 87 -47.14 -48.62 -47.22
C ASP A 87 -46.72 -47.83 -45.98
N HIS A 88 -46.97 -46.51 -45.99
CA HIS A 88 -46.68 -45.52 -44.96
C HIS A 88 -45.22 -45.05 -44.97
N ILE A 89 -44.38 -45.53 -45.87
CA ILE A 89 -43.06 -44.92 -46.04
C ILE A 89 -42.81 -44.54 -47.50
N LEU A 90 -43.19 -45.41 -48.44
CA LEU A 90 -42.88 -45.15 -49.84
C LEU A 90 -44.07 -45.51 -50.72
N CYS A 91 -44.05 -44.97 -51.93
CA CYS A 91 -45.09 -45.18 -52.92
C CYS A 91 -44.65 -46.25 -53.91
N TRP A 92 -45.21 -47.44 -53.76
CA TRP A 92 -44.66 -48.55 -54.52
C TRP A 92 -45.02 -48.43 -55.99
N PRO A 93 -44.15 -48.89 -56.89
CA PRO A 93 -44.45 -48.83 -58.31
C PRO A 93 -45.50 -49.85 -58.74
N LEU A 94 -46.01 -49.70 -59.95
CA LEU A 94 -46.74 -50.80 -60.57
C LEU A 94 -45.84 -52.02 -60.68
N GLY A 95 -46.35 -53.15 -60.19
CA GLY A 95 -45.55 -54.36 -60.14
C GLY A 95 -45.82 -55.29 -61.31
N ALA A 96 -44.78 -55.95 -61.80
CA ALA A 96 -44.95 -56.94 -62.86
C ALA A 96 -45.47 -58.24 -62.26
N PRO A 97 -46.43 -58.90 -62.92
CA PRO A 97 -47.00 -60.13 -62.35
C PRO A 97 -45.94 -61.19 -62.08
N GLY A 98 -45.99 -61.75 -60.87
CA GLY A 98 -45.12 -62.85 -60.50
C GLY A 98 -43.71 -62.47 -60.15
N GLU A 99 -43.32 -61.22 -60.31
CA GLU A 99 -41.95 -60.79 -60.11
C GLU A 99 -41.81 -60.01 -58.81
N VAL A 100 -40.57 -59.78 -58.40
CA VAL A 100 -40.25 -58.85 -57.33
C VAL A 100 -40.22 -57.44 -57.90
N VAL A 101 -40.84 -56.50 -57.19
CA VAL A 101 -41.01 -55.13 -57.67
C VAL A 101 -39.95 -54.26 -56.99
N ALA A 102 -39.00 -53.77 -57.79
CA ALA A 102 -37.90 -52.96 -57.28
C ALA A 102 -38.27 -51.48 -57.37
N VAL A 103 -38.14 -50.78 -56.25
CA VAL A 103 -38.43 -49.36 -56.16
C VAL A 103 -37.18 -48.66 -55.66
N PRO A 104 -36.75 -47.54 -56.26
CA PRO A 104 -35.59 -46.83 -55.73
C PRO A 104 -35.87 -46.29 -54.33
N CYS A 105 -34.84 -46.29 -53.49
CA CYS A 105 -34.98 -45.76 -52.14
C CYS A 105 -35.51 -44.33 -52.20
N PRO A 106 -36.59 -44.02 -51.47
CA PRO A 106 -37.18 -42.68 -51.56
C PRO A 106 -36.18 -41.57 -51.31
N ASP A 107 -36.25 -40.53 -52.15
CA ASP A 107 -35.33 -39.41 -52.03
C ASP A 107 -35.69 -38.49 -50.88
N TYR A 108 -36.90 -38.64 -50.33
CA TYR A 108 -37.37 -37.76 -49.27
C TYR A 108 -37.20 -38.35 -47.88
N ILE A 109 -36.51 -39.48 -47.74
CA ILE A 109 -36.17 -40.06 -46.44
C ILE A 109 -34.66 -39.92 -46.29
N TYR A 110 -34.23 -38.96 -45.44
CA TYR A 110 -32.83 -38.58 -45.39
C TYR A 110 -31.91 -39.77 -45.14
N ASP A 111 -32.29 -40.67 -44.25
CA ASP A 111 -31.40 -41.72 -43.77
C ASP A 111 -31.42 -42.98 -44.65
N PHE A 112 -32.08 -42.94 -45.80
CA PHE A 112 -32.01 -44.05 -46.74
C PHE A 112 -30.77 -43.94 -47.62
N ASN A 113 -30.29 -45.10 -48.07
CA ASN A 113 -29.24 -45.17 -49.08
C ASN A 113 -29.89 -44.96 -50.44
N HIS A 114 -29.72 -43.76 -50.99
CA HIS A 114 -30.47 -43.36 -52.18
C HIS A 114 -30.08 -44.14 -53.42
N LYS A 115 -29.04 -44.98 -53.35
CA LYS A 115 -28.59 -45.74 -54.51
C LYS A 115 -29.21 -47.13 -54.57
N GLY A 116 -29.90 -47.55 -53.51
CA GLY A 116 -30.45 -48.89 -53.43
C GLY A 116 -31.91 -48.96 -53.86
N HIS A 117 -32.44 -50.17 -53.80
CA HIS A 117 -33.85 -50.41 -54.10
C HIS A 117 -34.46 -51.30 -53.04
N ALA A 118 -35.75 -51.09 -52.78
CA ALA A 118 -36.55 -51.97 -51.95
C ALA A 118 -37.36 -52.90 -52.85
N TYR A 119 -37.80 -54.02 -52.28
CA TYR A 119 -38.54 -55.02 -53.04
C TYR A 119 -39.82 -55.43 -52.32
N ARG A 120 -40.84 -55.72 -53.13
CA ARG A 120 -42.01 -56.48 -52.71
C ARG A 120 -42.28 -57.56 -53.74
N ARG A 121 -42.97 -58.61 -53.31
CA ARG A 121 -43.25 -59.76 -54.16
C ARG A 121 -44.66 -59.64 -54.73
N CYS A 122 -44.72 -59.62 -56.07
CA CYS A 122 -45.97 -59.53 -56.79
C CYS A 122 -46.41 -60.93 -57.23
N ASP A 123 -47.67 -61.26 -56.98
CA ASP A 123 -48.20 -62.56 -57.38
C ASP A 123 -48.49 -62.59 -58.88
N ARG A 124 -48.60 -63.82 -59.40
CA ARG A 124 -48.82 -63.98 -60.83
C ARG A 124 -50.22 -63.57 -61.23
N ASN A 125 -51.13 -63.44 -60.26
CA ASN A 125 -52.51 -63.09 -60.56
C ASN A 125 -52.76 -61.59 -60.37
N GLY A 126 -51.69 -60.83 -60.13
CA GLY A 126 -51.80 -59.38 -60.08
C GLY A 126 -51.95 -58.86 -58.67
N SER A 127 -52.16 -59.76 -57.71
CA SER A 127 -52.27 -59.43 -56.31
C SER A 127 -50.86 -59.39 -55.70
N TRP A 128 -50.75 -58.75 -54.53
CA TRP A 128 -49.49 -58.76 -53.82
C TRP A 128 -49.37 -60.04 -53.00
N GLU A 129 -48.20 -60.67 -53.05
CA GLU A 129 -48.01 -61.98 -52.44
C GLU A 129 -47.72 -61.84 -50.95
N LEU A 130 -48.15 -62.84 -50.18
CA LEU A 130 -48.04 -62.81 -48.72
C LEU A 130 -46.81 -63.57 -48.24
N VAL A 131 -46.36 -63.21 -47.04
CA VAL A 131 -45.32 -63.98 -46.36
C VAL A 131 -45.88 -65.33 -45.94
N PRO A 132 -45.26 -66.45 -46.31
CA PRO A 132 -45.77 -67.75 -45.91
C PRO A 132 -45.98 -67.84 -44.40
N GLY A 133 -47.17 -68.28 -44.01
CA GLY A 133 -47.53 -68.41 -42.62
C GLY A 133 -48.03 -67.14 -41.95
N HIS A 134 -48.14 -66.04 -42.69
CA HIS A 134 -48.59 -64.78 -42.12
C HIS A 134 -49.38 -64.01 -43.19
N ASN A 135 -50.46 -63.38 -42.75
CA ASN A 135 -51.30 -62.59 -43.64
C ASN A 135 -50.75 -61.16 -43.74
N ARG A 136 -49.52 -61.07 -44.26
CA ARG A 136 -48.88 -59.80 -44.55
C ARG A 136 -48.11 -59.91 -45.86
N THR A 137 -48.02 -58.80 -46.57
CA THR A 137 -47.30 -58.79 -47.84
C THR A 137 -45.80 -58.86 -47.61
N TRP A 138 -45.10 -59.62 -48.45
CA TRP A 138 -43.66 -59.75 -48.37
C TRP A 138 -42.96 -58.51 -48.90
N ALA A 139 -41.89 -58.11 -48.22
CA ALA A 139 -41.09 -56.97 -48.63
C ALA A 139 -39.67 -57.18 -48.14
N ASN A 140 -38.73 -56.46 -48.78
CA ASN A 140 -37.33 -56.49 -48.42
C ASN A 140 -36.73 -55.12 -48.71
N TYR A 141 -36.29 -54.42 -47.67
CA TYR A 141 -35.77 -53.06 -47.76
C TYR A 141 -34.27 -53.00 -47.56
N SER A 142 -33.57 -54.15 -47.60
CA SER A 142 -32.19 -54.20 -47.12
C SER A 142 -31.30 -53.17 -47.80
N GLU A 143 -31.48 -53.11 -49.11
CA GLU A 143 -30.53 -52.34 -49.87
C GLU A 143 -30.71 -50.98 -49.32
N CYS A 144 -31.91 -50.62 -48.93
CA CYS A 144 -32.13 -49.31 -48.43
C CYS A 144 -31.71 -49.08 -46.99
N VAL A 145 -31.99 -49.98 -46.09
CA VAL A 145 -31.81 -49.69 -44.69
C VAL A 145 -31.04 -50.68 -43.86
N LYS A 146 -30.40 -51.61 -44.51
CA LYS A 146 -29.64 -52.55 -43.75
C LYS A 146 -28.56 -52.03 -42.81
N PHE A 147 -27.95 -50.88 -43.00
CA PHE A 147 -26.95 -50.41 -42.02
C PHE A 147 -27.47 -49.12 -41.47
N LEU A 148 -28.78 -49.02 -41.51
CA LEU A 148 -29.40 -47.85 -41.00
C LEU A 148 -29.05 -47.45 -39.64
N THR A 149 -28.95 -48.37 -38.71
CA THR A 149 -28.43 -47.93 -37.44
C THR A 149 -26.94 -48.06 -37.43
N ASN A 150 -26.35 -46.88 -37.41
CA ASN A 150 -24.91 -46.63 -37.51
C ASN A 150 -24.22 -46.26 -36.23
N GLU A 151 -24.88 -46.56 -35.13
CA GLU A 151 -24.43 -46.28 -33.77
C GLU A 151 -24.32 -44.82 -33.35
N THR A 152 -23.87 -44.73 -32.11
CA THR A 152 -23.68 -43.54 -31.36
C THR A 152 -22.32 -43.35 -30.86
N ARG A 153 -21.31 -43.55 -31.69
CA ARG A 153 -20.00 -43.47 -31.13
C ARG A 153 -19.73 -42.08 -30.61
N GLU A 154 -20.27 -41.06 -31.28
CA GLU A 154 -20.07 -39.69 -30.86
C GLU A 154 -20.94 -39.34 -29.66
N ARG A 155 -21.60 -40.36 -29.11
CA ARG A 155 -22.47 -40.16 -27.95
C ARG A 155 -21.69 -40.29 -26.64
N GLU A 156 -20.47 -40.82 -26.74
CA GLU A 156 -19.62 -41.00 -25.56
C GLU A 156 -18.77 -39.75 -25.31
N VAL A 157 -18.26 -39.16 -26.38
CA VAL A 157 -17.42 -37.97 -26.28
C VAL A 157 -18.18 -36.81 -25.66
N PHE A 158 -19.47 -36.72 -25.98
CA PHE A 158 -20.31 -35.65 -25.45
C PHE A 158 -20.46 -35.77 -23.94
N ASP A 159 -20.74 -36.97 -23.45
CA ASP A 159 -20.84 -37.17 -22.00
C ASP A 159 -19.51 -36.90 -21.31
N ARG A 160 -18.39 -37.31 -21.93
CA ARG A 160 -17.09 -37.06 -21.34
C ARG A 160 -16.79 -35.58 -21.22
N LEU A 161 -17.09 -34.81 -22.27
CA LEU A 161 -16.88 -33.37 -22.23
C LEU A 161 -17.77 -32.71 -21.19
N ALA A 162 -19.01 -33.18 -21.07
CA ALA A 162 -19.89 -32.66 -20.03
C ALA A 162 -19.31 -32.89 -18.65
N MET A 163 -18.77 -34.09 -18.40
CA MET A 163 -18.17 -34.36 -17.10
C MET A 163 -16.97 -33.46 -16.83
N ILE A 164 -16.11 -33.28 -17.83
CA ILE A 164 -14.94 -32.41 -17.69
C ILE A 164 -15.38 -31.01 -17.26
N TYR A 165 -16.28 -30.40 -18.02
CA TYR A 165 -16.56 -29.01 -17.67
C TYR A 165 -17.45 -28.89 -16.43
N THR A 166 -18.24 -29.90 -16.07
CA THR A 166 -19.01 -29.72 -14.84
C THR A 166 -18.10 -29.82 -13.62
N VAL A 167 -17.10 -30.70 -13.64
CA VAL A 167 -16.22 -30.76 -12.47
C VAL A 167 -15.35 -29.51 -12.41
N GLY A 168 -14.87 -29.03 -13.56
CA GLY A 168 -14.08 -27.80 -13.55
C GLY A 168 -14.87 -26.60 -13.07
N TYR A 169 -16.11 -26.47 -13.55
CA TYR A 169 -16.92 -25.33 -13.16
C TYR A 169 -17.37 -25.42 -11.71
N SER A 170 -17.53 -26.63 -11.17
CA SER A 170 -17.84 -26.73 -9.75
C SER A 170 -16.67 -26.27 -8.89
N VAL A 171 -15.46 -26.73 -9.22
CA VAL A 171 -14.28 -26.28 -8.49
C VAL A 171 -14.13 -24.77 -8.58
N SER A 172 -14.26 -24.23 -9.80
CA SER A 172 -14.14 -22.79 -10.00
C SER A 172 -15.19 -22.02 -9.21
N LEU A 173 -16.44 -22.49 -9.24
CA LEU A 173 -17.52 -21.79 -8.54
C LEU A 173 -17.27 -21.76 -7.04
N ALA A 174 -16.85 -22.88 -6.45
CA ALA A 174 -16.59 -22.90 -5.01
C ALA A 174 -15.45 -21.96 -4.63
N SER A 175 -14.32 -22.08 -5.33
CA SER A 175 -13.16 -21.23 -5.02
C SER A 175 -13.49 -19.77 -5.22
N LEU A 176 -14.28 -19.45 -6.25
CA LEU A 176 -14.58 -18.05 -6.52
C LEU A 176 -15.58 -17.48 -5.51
N THR A 177 -16.50 -18.31 -5.03
CA THR A 177 -17.39 -17.86 -3.95
C THR A 177 -16.58 -17.47 -2.72
N VAL A 178 -15.65 -18.33 -2.31
CA VAL A 178 -14.89 -17.97 -1.11
C VAL A 178 -13.97 -16.79 -1.40
N ALA A 179 -13.52 -16.63 -2.65
CA ALA A 179 -12.69 -15.49 -3.00
C ALA A 179 -13.46 -14.18 -2.89
N VAL A 180 -14.68 -14.13 -3.43
CA VAL A 180 -15.44 -12.88 -3.34
C VAL A 180 -15.82 -12.58 -1.90
N LEU A 181 -16.05 -13.61 -1.09
CA LEU A 181 -16.33 -13.34 0.32
C LEU A 181 -15.11 -12.75 1.02
N ILE A 182 -13.93 -13.32 0.78
CA ILE A 182 -12.71 -12.82 1.39
C ILE A 182 -12.42 -11.39 0.94
N LEU A 183 -12.68 -11.10 -0.33
CA LEU A 183 -12.45 -9.74 -0.83
C LEU A 183 -13.45 -8.76 -0.24
N ALA A 184 -14.71 -9.15 -0.11
CA ALA A 184 -15.73 -8.23 0.37
C ALA A 184 -15.66 -7.99 1.87
N TYR A 185 -15.12 -8.93 2.64
CA TYR A 185 -15.08 -8.75 4.09
C TYR A 185 -14.06 -7.69 4.50
N PHE A 186 -12.79 -7.94 4.19
CA PHE A 186 -11.70 -7.07 4.65
C PHE A 186 -11.74 -5.75 3.89
N ARG A 187 -11.96 -4.66 4.60
CA ARG A 187 -12.05 -3.33 4.00
C ARG A 187 -10.70 -2.75 3.62
N ARG A 188 -9.61 -3.33 4.11
CA ARG A 188 -8.28 -2.89 3.72
C ARG A 188 -8.01 -3.13 2.24
N LEU A 189 -8.62 -4.17 1.66
CA LEU A 189 -8.41 -4.52 0.27
C LEU A 189 -9.47 -3.93 -0.66
N HIS A 190 -10.00 -2.75 -0.33
CA HIS A 190 -11.02 -2.12 -1.18
C HIS A 190 -10.35 -1.08 -2.06
N CYS A 191 -9.76 -1.55 -3.15
CA CYS A 191 -9.15 -0.71 -4.16
C CYS A 191 -10.02 -0.72 -5.41
N THR A 192 -9.56 0.00 -6.43
CA THR A 192 -10.20 -0.12 -7.74
C THR A 192 -9.81 -1.44 -8.41
N ARG A 193 -8.56 -1.86 -8.21
CA ARG A 193 -8.10 -3.15 -8.71
C ARG A 193 -8.94 -4.28 -8.14
N ASN A 194 -9.21 -4.23 -6.83
CA ASN A 194 -10.00 -5.27 -6.21
C ASN A 194 -11.47 -5.17 -6.59
N TYR A 195 -11.97 -3.97 -6.90
CA TYR A 195 -13.34 -3.85 -7.40
C TYR A 195 -13.49 -4.53 -8.75
N ILE A 196 -12.51 -4.32 -9.63
CA ILE A 196 -12.55 -4.95 -10.94
C ILE A 196 -12.38 -6.46 -10.81
N HIS A 197 -11.56 -6.90 -9.84
CA HIS A 197 -11.44 -8.33 -9.60
C HIS A 197 -12.75 -8.93 -9.11
N MET A 198 -13.49 -8.20 -8.26
CA MET A 198 -14.77 -8.69 -7.78
C MET A 198 -15.77 -8.82 -8.92
N HIS A 199 -15.82 -7.82 -9.80
CA HIS A 199 -16.68 -7.93 -10.98
C HIS A 199 -16.31 -9.15 -11.84
N LEU A 200 -15.02 -9.36 -12.05
CA LEU A 200 -14.56 -10.51 -12.83
C LEU A 200 -14.99 -11.83 -12.20
N PHE A 201 -14.86 -11.93 -10.88
CA PHE A 201 -15.23 -13.16 -10.19
C PHE A 201 -16.73 -13.41 -10.28
N LEU A 202 -17.54 -12.37 -10.13
CA LEU A 202 -18.98 -12.52 -10.30
C LEU A 202 -19.31 -13.00 -11.71
N SER A 203 -18.60 -12.49 -12.72
CA SER A 203 -18.85 -12.94 -14.08
C SER A 203 -18.53 -14.42 -14.24
N PHE A 204 -17.42 -14.87 -13.66
CA PHE A 204 -17.07 -16.29 -13.70
C PHE A 204 -18.16 -17.15 -13.08
N MET A 205 -18.63 -16.74 -11.89
CA MET A 205 -19.63 -17.54 -11.19
C MET A 205 -20.95 -17.57 -11.94
N LEU A 206 -21.37 -16.44 -12.51
CA LEU A 206 -22.61 -16.42 -13.27
C LEU A 206 -22.49 -17.26 -14.54
N ARG A 207 -21.30 -17.30 -15.15
CA ARG A 207 -21.06 -18.19 -16.27
C ARG A 207 -21.29 -19.65 -15.88
N ALA A 208 -20.69 -20.07 -14.78
CA ALA A 208 -20.85 -21.45 -14.32
C ALA A 208 -22.31 -21.79 -14.02
N VAL A 209 -23.00 -20.88 -13.32
CA VAL A 209 -24.39 -21.13 -12.96
C VAL A 209 -25.27 -21.21 -14.19
N SER A 210 -25.03 -20.35 -15.18
CA SER A 210 -25.81 -20.38 -16.40
C SER A 210 -25.61 -21.68 -17.16
N ILE A 211 -24.37 -22.18 -17.20
CA ILE A 211 -24.11 -23.43 -17.90
C ILE A 211 -24.82 -24.58 -17.19
N PHE A 212 -24.77 -24.60 -15.86
CA PHE A 212 -25.46 -25.65 -15.12
C PHE A 212 -26.96 -25.61 -15.35
N VAL A 213 -27.56 -24.41 -15.32
CA VAL A 213 -29.00 -24.30 -15.50
C VAL A 213 -29.40 -24.69 -16.92
N LYS A 214 -28.59 -24.32 -17.91
CA LYS A 214 -28.91 -24.67 -19.29
C LYS A 214 -28.84 -26.18 -19.50
N ASP A 215 -27.86 -26.83 -18.91
CA ASP A 215 -27.79 -28.29 -19.00
C ASP A 215 -28.97 -28.94 -18.29
N ALA A 216 -29.42 -28.35 -17.18
CA ALA A 216 -30.53 -28.94 -16.46
C ALA A 216 -31.86 -28.73 -17.19
N VAL A 217 -31.98 -27.65 -17.95
CA VAL A 217 -33.25 -27.35 -18.60
C VAL A 217 -33.36 -28.00 -19.97
N LEU A 218 -32.30 -27.96 -20.78
CA LEU A 218 -32.42 -28.45 -22.16
C LEU A 218 -32.41 -29.97 -22.22
N TYR A 219 -31.45 -30.60 -21.54
CA TYR A 219 -31.16 -32.03 -21.71
C TYR A 219 -31.83 -32.87 -20.64
N SER A 220 -33.04 -32.50 -20.24
CA SER A 220 -33.85 -33.24 -19.27
C SER A 220 -33.13 -33.42 -17.93
N ALA A 250 -40.89 -28.97 -26.39
CA ALA A 250 -39.78 -28.21 -26.95
C ALA A 250 -40.28 -27.05 -27.79
N GLY A 251 -39.92 -25.83 -27.41
CA GLY A 251 -40.35 -24.65 -28.12
C GLY A 251 -41.01 -23.63 -27.23
N TYR A 252 -40.73 -23.68 -25.93
CA TYR A 252 -41.35 -22.80 -24.96
C TYR A 252 -40.30 -21.95 -24.25
N ALA A 253 -40.74 -21.25 -23.20
CA ALA A 253 -39.98 -20.13 -22.68
C ALA A 253 -38.80 -20.54 -21.81
N GLY A 254 -38.85 -21.71 -21.19
CA GLY A 254 -37.76 -22.11 -20.32
C GLY A 254 -36.46 -22.34 -21.07
N CYS A 255 -36.53 -23.11 -22.16
CA CYS A 255 -35.42 -23.25 -23.10
C CYS A 255 -34.80 -21.91 -23.46
N ARG A 256 -35.64 -21.00 -23.95
CA ARG A 256 -35.12 -19.77 -24.54
C ARG A 256 -34.54 -18.85 -23.48
N VAL A 257 -35.14 -18.81 -22.30
CA VAL A 257 -34.59 -17.98 -21.23
C VAL A 257 -33.25 -18.55 -20.76
N ALA A 258 -33.17 -19.88 -20.61
CA ALA A 258 -31.91 -20.50 -20.22
C ALA A 258 -30.81 -20.21 -21.24
N VAL A 259 -31.13 -20.37 -22.53
CA VAL A 259 -30.14 -20.14 -23.58
C VAL A 259 -29.70 -18.69 -23.61
N THR A 260 -30.66 -17.76 -23.49
CA THR A 260 -30.32 -16.33 -23.56
C THR A 260 -29.43 -15.93 -22.40
N PHE A 261 -29.76 -16.38 -21.20
CA PHE A 261 -28.94 -16.03 -20.04
C PHE A 261 -27.56 -16.68 -20.12
N PHE A 262 -27.50 -17.90 -20.67
CA PHE A 262 -26.23 -18.57 -20.88
C PHE A 262 -25.31 -17.75 -21.78
N LEU A 263 -25.85 -17.31 -22.92
CA LEU A 263 -25.06 -16.51 -23.86
C LEU A 263 -24.65 -15.18 -23.25
N TYR A 264 -25.56 -14.55 -22.50
CA TYR A 264 -25.25 -13.28 -21.87
C TYR A 264 -24.10 -13.40 -20.89
N PHE A 265 -24.15 -14.43 -20.02
CA PHE A 265 -23.12 -14.54 -19.00
C PHE A 265 -21.77 -14.98 -19.58
N LEU A 266 -21.79 -15.80 -20.63
CA LEU A 266 -20.57 -16.04 -21.41
C LEU A 266 -19.94 -14.74 -21.88
N ALA A 267 -20.75 -13.92 -22.54
CA ALA A 267 -20.22 -12.67 -23.11
C ALA A 267 -19.67 -11.76 -22.02
N THR A 268 -20.36 -11.68 -20.90
CA THR A 268 -19.89 -10.82 -19.81
C THR A 268 -18.57 -11.32 -19.25
N ASN A 269 -18.38 -12.63 -19.19
CA ASN A 269 -17.10 -13.14 -18.71
C ASN A 269 -15.97 -12.76 -19.65
N TYR A 270 -16.18 -12.95 -20.95
CA TYR A 270 -15.14 -12.58 -21.91
C TYR A 270 -14.82 -11.10 -21.85
N TYR A 271 -15.86 -10.26 -21.74
CA TYR A 271 -15.63 -8.83 -21.74
C TYR A 271 -15.05 -8.33 -20.42
N TRP A 272 -15.24 -9.05 -19.31
CA TRP A 272 -14.56 -8.65 -18.09
C TRP A 272 -13.11 -9.08 -18.08
N ILE A 273 -12.78 -10.19 -18.75
CA ILE A 273 -11.37 -10.49 -19.01
C ILE A 273 -10.73 -9.34 -19.82
N LEU A 274 -11.45 -8.87 -20.84
CA LEU A 274 -10.98 -7.74 -21.62
C LEU A 274 -10.82 -6.49 -20.76
N VAL A 275 -11.73 -6.27 -19.80
CA VAL A 275 -11.65 -5.09 -18.96
C VAL A 275 -10.44 -5.16 -18.03
N GLU A 276 -10.14 -6.34 -17.50
CA GLU A 276 -8.90 -6.53 -16.75
C GLU A 276 -7.69 -6.11 -17.58
N GLY A 277 -7.62 -6.59 -18.81
CA GLY A 277 -6.51 -6.22 -19.68
C GLY A 277 -6.43 -4.73 -19.95
N LEU A 278 -7.57 -4.12 -20.25
CA LEU A 278 -7.61 -2.69 -20.57
C LEU A 278 -7.23 -1.85 -19.35
N TYR A 279 -7.65 -2.28 -18.17
CA TYR A 279 -7.33 -1.52 -16.96
C TYR A 279 -5.85 -1.57 -16.66
N LEU A 280 -5.23 -2.75 -16.76
CA LEU A 280 -3.79 -2.82 -16.54
C LEU A 280 -3.04 -2.00 -17.59
N HIS A 281 -3.51 -2.05 -18.83
CA HIS A 281 -2.87 -1.31 -19.91
C HIS A 281 -2.92 0.20 -19.65
N SER A 282 -4.10 0.71 -19.29
CA SER A 282 -4.23 2.13 -18.99
C SER A 282 -3.47 2.51 -17.73
N LEU A 283 -3.38 1.59 -16.77
CA LEU A 283 -2.64 1.86 -15.54
C LEU A 283 -1.16 1.99 -15.80
N ILE A 284 -0.65 1.34 -16.84
CA ILE A 284 0.76 1.49 -17.17
C ILE A 284 1.00 2.66 -18.13
N PHE A 285 0.21 2.76 -19.20
CA PHE A 285 0.58 3.59 -20.34
C PHE A 285 0.10 5.03 -20.26
N MET A 286 -0.86 5.36 -19.41
CA MET A 286 -1.14 6.76 -19.15
C MET A 286 -0.83 7.18 -17.72
N ALA A 287 -1.27 6.41 -16.72
CA ALA A 287 -0.94 6.60 -15.30
C ALA A 287 -1.49 7.94 -14.82
N PHE A 288 -2.21 8.69 -15.64
CA PHE A 288 -2.85 9.94 -15.24
C PHE A 288 -4.34 9.80 -15.54
N PHE A 289 -5.10 9.28 -14.59
CA PHE A 289 -6.44 8.78 -14.88
C PHE A 289 -7.45 9.28 -13.87
N SER A 290 -8.68 9.50 -14.33
CA SER A 290 -9.80 9.82 -13.46
C SER A 290 -10.50 8.52 -13.06
N GLU A 291 -10.50 8.23 -11.76
CA GLU A 291 -10.82 6.88 -11.29
C GLU A 291 -12.29 6.56 -11.42
N LYS A 292 -13.16 7.51 -11.04
CA LYS A 292 -14.59 7.21 -11.00
C LYS A 292 -15.16 7.14 -12.42
N LYS A 293 -14.78 8.09 -13.27
CA LYS A 293 -15.23 8.09 -14.66
C LYS A 293 -14.86 6.80 -15.36
N TYR A 294 -13.58 6.41 -15.27
CA TYR A 294 -13.11 5.23 -15.98
C TYR A 294 -13.66 3.95 -15.37
N LEU A 295 -13.84 3.92 -14.04
CA LEU A 295 -14.38 2.72 -13.41
C LEU A 295 -15.85 2.53 -13.79
N TRP A 296 -16.63 3.61 -13.83
CA TRP A 296 -18.01 3.51 -14.26
C TRP A 296 -18.10 3.13 -15.73
N GLY A 297 -17.23 3.69 -16.56
CA GLY A 297 -17.22 3.32 -17.96
C GLY A 297 -16.84 1.86 -18.17
N PHE A 298 -15.92 1.35 -17.35
CA PHE A 298 -15.54 -0.05 -17.43
C PHE A 298 -16.70 -0.95 -16.99
N THR A 299 -17.42 -0.55 -15.95
CA THR A 299 -18.57 -1.34 -15.50
C THR A 299 -19.65 -1.41 -16.58
N VAL A 300 -19.97 -0.27 -17.18
CA VAL A 300 -20.98 -0.28 -18.24
C VAL A 300 -20.49 -1.04 -19.45
N PHE A 301 -19.20 -0.92 -19.79
CA PHE A 301 -18.65 -1.68 -20.91
C PHE A 301 -18.71 -3.18 -20.65
N GLY A 302 -18.50 -3.59 -19.40
CA GLY A 302 -18.46 -5.00 -19.08
C GLY A 302 -19.80 -5.64 -18.83
N TRP A 303 -20.84 -4.85 -18.58
CA TRP A 303 -22.17 -5.42 -18.40
C TRP A 303 -23.20 -5.00 -19.43
N GLY A 304 -22.92 -4.03 -20.30
CA GLY A 304 -23.93 -3.54 -21.22
C GLY A 304 -23.84 -4.02 -22.65
N LEU A 305 -22.65 -3.96 -23.25
CA LEU A 305 -22.49 -4.47 -24.61
C LEU A 305 -22.87 -5.93 -24.77
N PRO A 306 -22.55 -6.84 -23.82
CA PRO A 306 -23.16 -8.17 -23.89
C PRO A 306 -24.67 -8.12 -23.96
N ALA A 307 -25.30 -7.34 -23.10
CA ALA A 307 -26.75 -7.16 -23.17
C ALA A 307 -27.16 -6.62 -24.52
N VAL A 308 -26.35 -5.74 -25.11
CA VAL A 308 -26.69 -5.11 -26.38
C VAL A 308 -26.76 -6.16 -27.48
N PHE A 309 -25.66 -6.87 -27.73
CA PHE A 309 -25.71 -7.78 -28.87
C PHE A 309 -26.46 -9.07 -28.57
N VAL A 310 -26.64 -9.45 -27.30
CA VAL A 310 -27.55 -10.54 -27.00
C VAL A 310 -28.99 -10.13 -27.28
N ALA A 311 -29.35 -8.88 -26.97
CA ALA A 311 -30.69 -8.40 -27.30
C ALA A 311 -30.88 -8.33 -28.81
N VAL A 312 -29.85 -7.94 -29.55
CA VAL A 312 -29.96 -7.94 -31.00
C VAL A 312 -30.15 -9.36 -31.53
N TRP A 313 -29.42 -10.33 -30.97
CA TRP A 313 -29.59 -11.72 -31.37
C TRP A 313 -30.99 -12.22 -31.08
N VAL A 314 -31.55 -11.85 -29.92
CA VAL A 314 -32.90 -12.28 -29.57
C VAL A 314 -33.92 -11.64 -30.50
N SER A 315 -33.72 -10.36 -30.83
CA SER A 315 -34.65 -9.68 -31.73
C SER A 315 -34.59 -10.25 -33.14
N VAL A 316 -33.43 -10.71 -33.59
CA VAL A 316 -33.38 -11.33 -34.91
C VAL A 316 -33.97 -12.72 -34.87
N ARG A 317 -33.74 -13.48 -33.79
CA ARG A 317 -34.26 -14.83 -33.70
C ARG A 317 -35.78 -14.83 -33.64
N ALA A 318 -36.37 -14.00 -32.78
CA ALA A 318 -37.81 -13.99 -32.61
C ALA A 318 -38.55 -13.56 -33.87
N THR A 319 -37.89 -12.85 -34.78
CA THR A 319 -38.54 -12.38 -36.00
C THR A 319 -38.28 -13.27 -37.20
N LEU A 320 -37.07 -13.80 -37.37
CA LEU A 320 -36.76 -14.59 -38.55
C LEU A 320 -36.79 -16.10 -38.31
N ALA A 321 -36.48 -16.59 -37.11
CA ALA A 321 -36.48 -18.03 -36.87
C ALA A 321 -37.58 -18.47 -35.92
N ASN A 322 -37.56 -17.98 -34.68
CA ASN A 322 -38.52 -18.34 -33.63
C ASN A 322 -38.89 -19.82 -33.66
N THR A 323 -37.87 -20.66 -33.76
CA THR A 323 -38.05 -22.08 -34.07
C THR A 323 -37.56 -22.92 -32.90
N GLY A 324 -38.46 -23.71 -32.33
CA GLY A 324 -38.10 -24.62 -31.25
C GLY A 324 -37.60 -23.82 -30.07
N CYS A 325 -36.55 -24.29 -29.43
CA CYS A 325 -35.77 -23.47 -28.53
C CYS A 325 -34.37 -23.32 -29.11
N TRP A 326 -33.79 -22.13 -28.92
CA TRP A 326 -32.83 -21.57 -29.85
C TRP A 326 -31.44 -22.20 -29.79
N ASP A 327 -31.31 -23.36 -29.16
CA ASP A 327 -29.99 -23.97 -29.03
C ASP A 327 -29.46 -24.43 -30.37
N LEU A 328 -30.34 -24.82 -31.28
CA LEU A 328 -29.92 -25.18 -32.63
C LEU A 328 -29.60 -23.92 -33.43
N SER A 329 -28.51 -23.99 -34.20
CA SER A 329 -28.10 -22.85 -34.99
C SER A 329 -29.06 -22.62 -36.14
N SER A 330 -29.27 -21.34 -36.47
CA SER A 330 -30.21 -20.95 -37.53
C SER A 330 -29.53 -19.98 -38.48
N GLY A 331 -28.79 -20.51 -39.45
CA GLY A 331 -28.37 -19.75 -40.60
C GLY A 331 -27.58 -18.49 -40.37
N ASN A 332 -26.34 -18.62 -39.90
CA ASN A 332 -25.32 -17.57 -39.97
C ASN A 332 -25.57 -16.41 -39.04
N LYS A 333 -26.69 -16.40 -38.30
CA LYS A 333 -26.94 -15.34 -37.33
C LYS A 333 -26.39 -15.70 -35.96
N LYS A 334 -25.55 -16.72 -35.89
CA LYS A 334 -24.77 -17.05 -34.69
C LYS A 334 -23.60 -16.11 -34.48
N TRP A 335 -23.21 -15.36 -35.50
CA TRP A 335 -22.05 -14.49 -35.36
C TRP A 335 -22.37 -13.18 -34.66
N ILE A 336 -23.65 -12.87 -34.46
CA ILE A 336 -24.02 -11.68 -33.72
C ILE A 336 -23.46 -11.72 -32.31
N ILE A 337 -23.48 -12.89 -31.69
CA ILE A 337 -22.86 -13.04 -30.39
C ILE A 337 -21.37 -13.40 -30.51
N GLN A 338 -20.99 -14.11 -31.57
CA GLN A 338 -19.69 -14.75 -31.61
C GLN A 338 -18.59 -13.90 -32.22
N VAL A 339 -18.90 -12.78 -32.87
CA VAL A 339 -17.83 -11.92 -33.38
C VAL A 339 -17.27 -11.00 -32.29
N PRO A 340 -18.10 -10.34 -31.46
CA PRO A 340 -17.51 -9.53 -30.38
C PRO A 340 -16.60 -10.30 -29.43
N ILE A 341 -16.90 -11.57 -29.16
CA ILE A 341 -16.09 -12.35 -28.24
C ILE A 341 -14.71 -12.61 -28.84
N LEU A 342 -14.66 -12.98 -30.13
CA LEU A 342 -13.38 -13.20 -30.78
C LEU A 342 -12.59 -11.91 -30.90
N ALA A 343 -13.28 -10.79 -31.12
CA ALA A 343 -12.60 -9.50 -31.13
C ALA A 343 -11.97 -9.18 -29.78
N SER A 344 -12.68 -9.45 -28.69
CA SER A 344 -12.11 -9.25 -27.36
C SER A 344 -10.92 -10.16 -27.14
N ILE A 345 -10.98 -11.40 -27.63
CA ILE A 345 -9.88 -12.33 -27.44
C ILE A 345 -8.61 -11.80 -28.12
N VAL A 346 -8.73 -11.39 -29.39
CA VAL A 346 -7.54 -10.94 -30.10
C VAL A 346 -7.02 -9.61 -29.52
N LEU A 347 -7.92 -8.73 -29.09
CA LEU A 347 -7.49 -7.48 -28.48
C LEU A 347 -6.74 -7.73 -27.18
N ASN A 348 -7.23 -8.64 -26.34
CA ASN A 348 -6.56 -8.92 -25.09
C ASN A 348 -5.23 -9.59 -25.32
N PHE A 349 -5.11 -10.39 -26.38
CA PHE A 349 -3.80 -10.95 -26.72
C PHE A 349 -2.80 -9.85 -27.08
N ILE A 350 -3.24 -8.86 -27.87
CA ILE A 350 -2.37 -7.74 -28.22
C ILE A 350 -1.91 -7.01 -26.97
N LEU A 351 -2.85 -6.74 -26.06
CA LEU A 351 -2.51 -6.03 -24.83
C LEU A 351 -1.56 -6.85 -23.96
N PHE A 352 -1.74 -8.16 -23.93
CA PHE A 352 -0.84 -9.05 -23.20
C PHE A 352 0.59 -8.95 -23.73
N ILE A 353 0.73 -8.94 -25.06
CA ILE A 353 2.06 -8.84 -25.66
C ILE A 353 2.71 -7.51 -25.30
N ASN A 354 1.95 -6.42 -25.38
CA ASN A 354 2.50 -5.11 -25.02
C ASN A 354 2.94 -5.08 -23.55
N ILE A 355 2.14 -5.69 -22.67
CA ILE A 355 2.46 -5.66 -21.24
C ILE A 355 3.75 -6.44 -20.96
N VAL A 356 3.89 -7.62 -21.57
CA VAL A 356 5.11 -8.38 -21.29
C VAL A 356 6.32 -7.70 -21.91
N ARG A 357 6.14 -6.96 -23.01
CA ARG A 357 7.24 -6.16 -23.55
C ARG A 357 7.69 -5.09 -22.56
N VAL A 358 6.73 -4.37 -21.97
CA VAL A 358 7.08 -3.35 -20.99
C VAL A 358 7.74 -3.96 -19.76
N LEU A 359 7.26 -5.12 -19.31
CA LEU A 359 7.91 -5.80 -18.18
C LEU A 359 9.35 -6.19 -18.52
N ALA A 360 9.59 -6.64 -19.75
CA ALA A 360 10.96 -6.99 -20.13
C ALA A 360 11.87 -5.77 -20.12
N THR A 361 11.39 -4.64 -20.65
CA THR A 361 12.19 -3.42 -20.62
C THR A 361 12.47 -2.97 -19.18
N LYS A 362 11.46 -3.04 -18.30
CA LYS A 362 11.66 -2.66 -16.91
C LYS A 362 12.63 -3.58 -16.20
N LEU A 363 12.61 -4.86 -16.55
CA LEU A 363 13.48 -5.82 -15.88
C LEU A 363 14.91 -5.74 -16.38
N ARG A 364 15.12 -5.32 -17.62
CA ARG A 364 16.50 -5.19 -18.09
C ARG A 364 17.10 -3.86 -17.70
N GLU A 365 16.27 -2.81 -17.59
CA GLU A 365 16.83 -1.51 -17.23
C GLU A 365 17.03 -1.37 -15.73
N THR A 366 16.70 -2.39 -14.94
CA THR A 366 17.01 -2.41 -13.53
C THR A 366 18.09 -3.43 -13.16
N ASN A 367 18.51 -4.25 -14.11
CA ASN A 367 19.49 -5.33 -13.89
C ASN A 367 19.07 -6.25 -12.75
N THR A 373 21.71 -12.17 -15.06
CA THR A 373 20.87 -12.18 -16.25
C THR A 373 19.99 -13.43 -16.30
N ARG A 374 20.08 -14.26 -15.27
CA ARG A 374 19.22 -15.43 -15.15
C ARG A 374 18.00 -15.13 -14.27
N GLN A 375 18.19 -14.31 -13.23
CA GLN A 375 17.08 -13.97 -12.36
C GLN A 375 16.04 -13.13 -13.12
N GLN A 376 16.49 -12.29 -14.05
CA GLN A 376 15.53 -11.49 -14.82
C GLN A 376 14.70 -12.38 -15.75
N TYR A 377 15.33 -13.40 -16.34
CA TYR A 377 14.58 -14.31 -17.20
C TYR A 377 13.62 -15.17 -16.40
N ARG A 378 14.04 -15.62 -15.21
CA ARG A 378 13.13 -16.36 -14.34
C ARG A 378 11.95 -15.51 -13.91
N LYS A 379 12.21 -14.24 -13.59
CA LYS A 379 11.12 -13.37 -13.14
C LYS A 379 10.16 -13.06 -14.28
N LEU A 380 10.69 -12.83 -15.48
CA LEU A 380 9.83 -12.62 -16.64
C LEU A 380 8.99 -13.86 -16.93
N LEU A 381 9.58 -15.05 -16.74
CA LEU A 381 8.83 -16.28 -16.95
C LEU A 381 7.69 -16.40 -15.94
N LYS A 382 7.98 -16.15 -14.66
CA LYS A 382 6.92 -16.21 -13.66
C LYS A 382 5.84 -15.18 -13.94
N SER A 383 6.22 -13.98 -14.36
CA SER A 383 5.25 -12.91 -14.58
C SER A 383 4.35 -13.24 -15.77
N THR A 384 4.90 -13.73 -16.87
CA THR A 384 4.05 -14.08 -18.00
C THR A 384 3.18 -15.29 -17.67
N LEU A 385 3.69 -16.23 -16.87
CA LEU A 385 2.89 -17.40 -16.51
C LEU A 385 1.71 -17.00 -15.62
N VAL A 386 1.92 -16.07 -14.70
CA VAL A 386 0.81 -15.65 -13.84
C VAL A 386 -0.12 -14.67 -14.55
N LEU A 387 0.34 -14.02 -15.62
CA LEU A 387 -0.57 -13.17 -16.38
C LEU A 387 -1.42 -13.95 -17.36
N MET A 388 -0.96 -15.14 -17.78
CA MET A 388 -1.72 -15.95 -18.74
C MET A 388 -3.16 -16.22 -18.35
N PRO A 389 -3.50 -16.67 -17.13
CA PRO A 389 -4.91 -16.96 -16.85
C PRO A 389 -5.77 -15.71 -16.65
N LEU A 390 -5.18 -14.56 -16.35
CA LEU A 390 -5.97 -13.34 -16.17
C LEU A 390 -6.37 -12.74 -17.51
N PHE A 391 -5.41 -12.57 -18.40
CA PHE A 391 -5.69 -12.10 -19.75
C PHE A 391 -6.42 -13.12 -20.60
N GLY A 392 -6.43 -14.38 -20.16
CA GLY A 392 -7.08 -15.42 -20.92
C GLY A 392 -6.40 -15.75 -22.22
N VAL A 393 -5.06 -15.81 -22.24
CA VAL A 393 -4.40 -16.17 -23.48
C VAL A 393 -4.26 -17.68 -23.55
N HIS A 394 -5.39 -18.34 -23.78
CA HIS A 394 -5.45 -19.69 -24.31
C HIS A 394 -6.56 -19.84 -25.32
N TYR A 395 -7.48 -18.87 -25.39
CA TYR A 395 -8.50 -18.84 -26.42
C TYR A 395 -7.92 -18.48 -27.79
N ILE A 396 -6.69 -17.95 -27.82
CA ILE A 396 -6.10 -17.52 -29.08
C ILE A 396 -5.74 -18.70 -29.97
N VAL A 397 -5.62 -19.90 -29.41
CA VAL A 397 -5.24 -21.05 -30.21
C VAL A 397 -6.37 -21.43 -31.17
N PHE A 398 -7.62 -21.31 -30.71
CA PHE A 398 -8.77 -21.81 -31.47
C PHE A 398 -9.82 -20.74 -31.68
N MET A 399 -9.46 -19.46 -31.60
CA MET A 399 -10.46 -18.43 -31.82
C MET A 399 -10.81 -18.29 -33.29
N ALA A 400 -9.89 -18.66 -34.18
CA ALA A 400 -10.10 -18.57 -35.61
C ALA A 400 -10.55 -19.88 -36.24
N THR A 401 -10.79 -20.91 -35.45
CA THR A 401 -11.18 -22.21 -35.98
C THR A 401 -12.64 -22.17 -36.41
N PRO A 402 -12.95 -22.56 -37.64
CA PRO A 402 -14.34 -22.58 -38.10
C PRO A 402 -15.08 -23.76 -37.49
N TYR A 403 -16.34 -23.90 -37.89
CA TYR A 403 -17.13 -25.03 -37.44
C TYR A 403 -16.65 -26.30 -38.14
N THR A 404 -16.22 -27.28 -37.36
CA THR A 404 -15.56 -28.46 -37.86
C THR A 404 -16.46 -29.67 -37.63
N GLU A 405 -16.35 -30.65 -38.53
CA GLU A 405 -17.04 -31.93 -38.37
C GLU A 405 -16.70 -32.55 -37.03
N VAL A 406 -17.71 -33.13 -36.38
CA VAL A 406 -17.66 -33.43 -34.96
C VAL A 406 -16.93 -34.75 -34.65
N SER A 407 -16.36 -35.39 -35.66
CA SER A 407 -15.58 -36.60 -35.41
C SER A 407 -14.11 -36.47 -35.80
N GLY A 408 -13.70 -35.38 -36.42
CA GLY A 408 -12.31 -35.22 -36.80
C GLY A 408 -11.41 -35.01 -35.60
N THR A 409 -10.10 -35.10 -35.85
CA THR A 409 -9.14 -34.92 -34.76
C THR A 409 -9.11 -33.48 -34.29
N LEU A 410 -9.20 -32.52 -35.22
CA LEU A 410 -9.18 -31.11 -34.85
C LEU A 410 -10.31 -30.77 -33.89
N TRP A 411 -11.52 -31.23 -34.20
CA TRP A 411 -12.66 -30.97 -33.34
C TRP A 411 -12.45 -31.50 -31.93
N GLN A 412 -11.93 -32.73 -31.83
CA GLN A 412 -11.80 -33.35 -30.51
C GLN A 412 -10.70 -32.68 -29.69
N VAL A 413 -9.56 -32.36 -30.33
CA VAL A 413 -8.50 -31.62 -29.63
C VAL A 413 -9.03 -30.27 -29.16
N GLN A 414 -9.69 -29.53 -30.06
CA GLN A 414 -10.23 -28.23 -29.71
C GLN A 414 -11.18 -28.32 -28.52
N MET A 415 -12.08 -29.30 -28.55
CA MET A 415 -13.10 -29.37 -27.51
C MET A 415 -12.52 -29.80 -26.18
N HIS A 416 -11.68 -30.84 -26.16
CA HIS A 416 -11.08 -31.27 -24.90
C HIS A 416 -10.22 -30.17 -24.30
N TYR A 417 -9.36 -29.55 -25.11
CA TYR A 417 -8.50 -28.47 -24.65
C TYR A 417 -9.32 -27.32 -24.08
N GLU A 418 -10.34 -26.88 -24.84
CA GLU A 418 -11.11 -25.73 -24.42
C GLU A 418 -11.96 -26.02 -23.19
N MET A 419 -12.58 -27.20 -23.11
CA MET A 419 -13.34 -27.52 -21.92
C MET A 419 -12.46 -27.53 -20.69
N LEU A 420 -11.31 -28.20 -20.79
CA LEU A 420 -10.40 -28.32 -19.65
C LEU A 420 -9.92 -26.95 -19.19
N PHE A 421 -9.60 -26.06 -20.12
CA PHE A 421 -9.01 -24.80 -19.68
C PHE A 421 -10.06 -23.77 -19.28
N ASN A 422 -11.17 -23.70 -20.02
CA ASN A 422 -12.26 -22.79 -19.67
C ASN A 422 -12.85 -23.12 -18.32
N SER A 423 -12.94 -24.41 -17.98
CA SER A 423 -13.58 -24.77 -16.72
C SER A 423 -12.71 -24.45 -15.51
N PHE A 424 -11.39 -24.43 -15.65
CA PHE A 424 -10.48 -24.19 -14.53
C PHE A 424 -9.85 -22.81 -14.54
N GLN A 425 -10.18 -21.97 -15.53
CA GLN A 425 -9.63 -20.61 -15.56
C GLN A 425 -10.00 -19.83 -14.29
N GLY A 426 -11.26 -19.89 -13.88
CA GLY A 426 -11.68 -19.14 -12.70
C GLY A 426 -11.02 -19.65 -11.43
N PHE A 427 -10.79 -20.96 -11.36
CA PHE A 427 -10.07 -21.53 -10.22
C PHE A 427 -8.64 -21.00 -10.15
N PHE A 428 -7.96 -20.97 -11.31
CA PHE A 428 -6.61 -20.45 -11.35
C PHE A 428 -6.57 -18.97 -10.99
N VAL A 429 -7.54 -18.20 -11.48
CA VAL A 429 -7.58 -16.77 -11.17
C VAL A 429 -7.82 -16.54 -9.69
N ALA A 430 -8.75 -17.31 -9.10
CA ALA A 430 -8.99 -17.22 -7.66
C ALA A 430 -7.71 -17.49 -6.89
N ILE A 431 -7.01 -18.58 -7.22
CA ILE A 431 -5.76 -18.90 -6.54
C ILE A 431 -4.78 -17.74 -6.64
N ILE A 432 -4.44 -17.34 -7.86
CA ILE A 432 -3.34 -16.41 -8.07
C ILE A 432 -3.65 -15.03 -7.50
N TYR A 433 -4.88 -14.53 -7.71
CA TYR A 433 -5.19 -13.16 -7.36
C TYR A 433 -6.00 -13.01 -6.07
N CYS A 434 -6.23 -14.09 -5.32
CA CYS A 434 -6.81 -13.94 -3.99
C CYS A 434 -6.07 -14.71 -2.92
N PHE A 435 -5.54 -15.89 -3.24
CA PHE A 435 -4.94 -16.72 -2.21
C PHE A 435 -3.43 -16.56 -2.14
N CYS A 436 -2.75 -16.52 -3.28
CA CYS A 436 -1.33 -16.28 -3.31
C CYS A 436 -0.97 -14.80 -3.32
N ASN A 437 -1.96 -13.93 -3.15
CA ASN A 437 -1.69 -12.51 -3.03
C ASN A 437 -1.14 -12.20 -1.64
N GLY A 438 -0.06 -11.42 -1.59
CA GLY A 438 0.60 -11.16 -0.32
C GLY A 438 -0.24 -10.30 0.61
N GLU A 439 -1.00 -9.36 0.06
CA GLU A 439 -1.80 -8.48 0.90
C GLU A 439 -2.96 -9.24 1.56
N VAL A 440 -3.64 -10.10 0.79
CA VAL A 440 -4.72 -10.90 1.34
C VAL A 440 -4.20 -11.83 2.42
N GLN A 441 -3.03 -12.42 2.19
CA GLN A 441 -2.42 -13.30 3.18
C GLN A 441 -2.05 -12.54 4.44
N ALA A 442 -1.50 -11.34 4.29
CA ALA A 442 -1.15 -10.53 5.46
C ALA A 442 -2.40 -10.18 6.26
N GLU A 443 -3.48 -9.82 5.58
CA GLU A 443 -4.72 -9.48 6.27
C GLU A 443 -5.29 -10.70 6.99
N ILE A 444 -5.23 -11.87 6.35
CA ILE A 444 -5.75 -13.08 6.99
C ILE A 444 -4.92 -13.42 8.23
N LYS A 445 -3.59 -13.31 8.11
CA LYS A 445 -2.73 -13.58 9.26
C LYS A 445 -3.04 -12.65 10.42
N LYS A 446 -3.15 -11.35 10.14
CA LYS A 446 -3.44 -10.39 11.21
C LYS A 446 -4.79 -10.66 11.85
N SER A 447 -5.80 -10.93 11.04
CA SER A 447 -7.15 -11.14 11.57
C SER A 447 -7.22 -12.39 12.41
N TRP A 448 -6.60 -13.47 11.96
CA TRP A 448 -6.61 -14.71 12.73
C TRP A 448 -5.79 -14.57 14.00
N SER A 449 -4.68 -13.83 13.94
CA SER A 449 -3.86 -13.63 15.14
C SER A 449 -4.64 -12.88 16.22
N ARG A 450 -5.32 -11.80 15.84
CA ARG A 450 -6.09 -11.07 16.85
C ARG A 450 -7.36 -11.82 17.23
N TRP A 451 -7.86 -12.69 16.36
CA TRP A 451 -8.98 -13.55 16.72
C TRP A 451 -8.59 -14.53 17.82
N THR A 452 -7.40 -15.13 17.71
CA THR A 452 -6.94 -16.03 18.75
C THR A 452 -6.49 -15.25 19.99
N LEU A 453 -6.04 -14.00 19.81
CA LEU A 453 -5.74 -13.15 20.95
C LEU A 453 -7.00 -12.83 21.74
N ALA A 454 -8.14 -12.72 21.06
CA ALA A 454 -9.41 -12.54 21.76
C ALA A 454 -9.89 -13.82 22.44
N LEU A 455 -9.25 -14.95 22.15
CA LEU A 455 -9.60 -16.29 22.65
C LEU A 455 -11.10 -16.56 22.72
N SER B 1 -13.84 -20.02 -33.38
CA SER B 1 -15.18 -20.16 -32.83
C SER B 1 -15.15 -20.16 -31.31
N VAL B 2 -16.32 -19.99 -30.71
CA VAL B 2 -16.49 -20.10 -29.26
C VAL B 2 -16.94 -21.53 -28.96
N SER B 3 -16.23 -22.20 -28.07
CA SER B 3 -16.36 -23.64 -27.92
C SER B 3 -17.63 -24.05 -27.19
N GLU B 4 -18.12 -23.24 -26.25
CA GLU B 4 -19.33 -23.62 -25.53
C GLU B 4 -20.56 -23.51 -26.43
N ILE B 5 -20.68 -22.42 -27.17
CA ILE B 5 -21.80 -22.26 -28.10
C ILE B 5 -21.74 -23.30 -29.20
N GLN B 6 -20.52 -23.61 -29.67
CA GLN B 6 -20.36 -24.65 -30.68
C GLN B 6 -20.75 -26.01 -30.14
N LEU B 7 -20.38 -26.31 -28.90
CA LEU B 7 -20.76 -27.57 -28.29
C LEU B 7 -22.28 -27.66 -28.15
N MET B 8 -22.94 -26.56 -27.79
CA MET B 8 -24.39 -26.56 -27.70
C MET B 8 -25.03 -26.82 -29.05
N HIS B 9 -24.54 -26.15 -30.10
CA HIS B 9 -25.09 -26.36 -31.43
C HIS B 9 -24.90 -27.79 -31.90
N ASN B 10 -23.70 -28.34 -31.71
CA ASN B 10 -23.42 -29.70 -32.16
C ASN B 10 -24.24 -30.72 -31.40
N LEU B 11 -24.40 -30.54 -30.09
CA LEU B 11 -25.22 -31.47 -29.31
C LEU B 11 -26.69 -31.39 -29.70
N GLY B 12 -27.20 -30.19 -29.94
CA GLY B 12 -28.57 -30.07 -30.39
C GLY B 12 -28.81 -30.73 -31.73
N LYS B 13 -27.88 -30.55 -32.67
CA LYS B 13 -28.03 -31.18 -33.98
C LYS B 13 -27.94 -32.70 -33.86
N HIS B 14 -27.06 -33.20 -33.00
CA HIS B 14 -26.95 -34.63 -32.77
C HIS B 14 -28.26 -35.20 -32.22
N LEU B 15 -28.84 -34.53 -31.23
CA LEU B 15 -30.06 -35.06 -30.62
C LEU B 15 -31.24 -34.98 -31.58
N ASN B 16 -31.30 -33.92 -32.39
CA ASN B 16 -32.33 -33.84 -33.43
C ASN B 16 -32.20 -35.01 -34.40
N SER B 17 -30.98 -35.31 -34.83
CA SER B 17 -30.78 -36.42 -35.76
C SER B 17 -31.07 -37.76 -35.10
N MET B 18 -30.80 -37.91 -33.81
CA MET B 18 -31.12 -39.15 -33.12
C MET B 18 -32.63 -39.35 -33.04
N GLU B 19 -33.37 -38.30 -32.72
CA GLU B 19 -34.83 -38.37 -32.74
C GLU B 19 -35.32 -38.79 -34.12
N ARG B 20 -34.72 -38.24 -35.17
CA ARG B 20 -35.14 -38.60 -36.52
C ARG B 20 -34.84 -40.06 -36.85
N VAL B 21 -33.66 -40.54 -36.47
CA VAL B 21 -33.23 -41.87 -36.87
C VAL B 21 -33.99 -42.92 -36.05
N GLU B 22 -34.48 -42.55 -34.87
CA GLU B 22 -35.32 -43.48 -34.14
C GLU B 22 -36.76 -43.48 -34.61
N TRP B 23 -37.33 -42.32 -34.95
CA TRP B 23 -38.64 -42.30 -35.59
C TRP B 23 -38.64 -43.09 -36.89
N LEU B 24 -37.57 -42.95 -37.69
CA LEU B 24 -37.52 -43.61 -38.98
C LEU B 24 -37.48 -45.13 -38.83
N ARG B 25 -36.78 -45.65 -37.85
CA ARG B 25 -36.87 -47.07 -37.80
C ARG B 25 -38.22 -47.45 -37.27
N LYS B 26 -38.56 -46.88 -36.17
CA LYS B 26 -39.90 -47.24 -35.71
C LYS B 26 -40.88 -47.34 -36.88
N LYS B 27 -40.86 -46.35 -37.77
CA LYS B 27 -41.82 -46.31 -38.87
C LYS B 27 -41.56 -47.44 -39.86
N LEU B 28 -40.29 -47.67 -40.21
CA LEU B 28 -40.00 -48.77 -41.12
C LEU B 28 -40.39 -50.12 -40.51
N GLN B 29 -40.11 -50.30 -39.22
CA GLN B 29 -40.38 -51.59 -38.60
C GLN B 29 -41.88 -51.87 -38.52
N ASP B 30 -42.67 -50.88 -38.08
CA ASP B 30 -44.09 -51.17 -37.91
C ASP B 30 -44.82 -51.15 -39.25
N VAL B 31 -44.32 -50.40 -40.24
CA VAL B 31 -44.92 -50.46 -41.56
C VAL B 31 -44.66 -51.80 -42.23
N HIS B 32 -43.41 -52.29 -42.18
CA HIS B 32 -43.10 -53.53 -42.88
C HIS B 32 -43.65 -54.75 -42.15
N ASN B 33 -43.56 -54.77 -40.82
CA ASN B 33 -44.00 -55.96 -40.09
C ASN B 33 -45.52 -56.05 -40.01
N PHE B 34 -46.18 -54.97 -39.60
CA PHE B 34 -47.63 -54.97 -39.53
C PHE B 34 -48.24 -54.70 -40.90
N ASP C 11 -37.84 16.16 19.13
CA ASP C 11 -37.38 16.79 20.37
C ASP C 11 -35.90 17.20 20.27
N GLN C 12 -35.06 16.27 19.81
CA GLN C 12 -33.66 16.58 19.53
C GLN C 12 -33.24 16.17 18.12
N ARG C 13 -34.15 15.61 17.32
CA ARG C 13 -33.79 15.19 15.97
C ARG C 13 -33.56 16.37 15.06
N ASN C 14 -34.21 17.51 15.34
CA ASN C 14 -33.97 18.73 14.59
C ASN C 14 -32.52 19.18 14.69
N GLU C 15 -31.87 18.87 15.79
CA GLU C 15 -30.45 19.18 15.98
C GLU C 15 -29.56 18.01 15.60
N GLU C 16 -30.09 16.99 14.93
CA GLU C 16 -29.27 15.92 14.36
C GLU C 16 -29.28 15.97 12.84
N LYS C 17 -30.41 16.35 12.23
CA LYS C 17 -30.41 16.51 10.78
C LYS C 17 -29.50 17.64 10.32
N ALA C 18 -29.31 18.67 11.14
CA ALA C 18 -28.35 19.72 10.81
C ALA C 18 -26.93 19.14 10.75
N GLN C 19 -26.60 18.26 11.69
CA GLN C 19 -25.29 17.63 11.69
C GLN C 19 -25.11 16.74 10.48
N ARG C 20 -26.16 16.02 10.09
CA ARG C 20 -26.08 15.17 8.90
C ARG C 20 -25.91 16.01 7.64
N GLU C 21 -26.59 17.16 7.54
CA GLU C 21 -26.43 18.02 6.38
C GLU C 21 -25.01 18.59 6.31
N ALA C 22 -24.48 19.01 7.45
CA ALA C 22 -23.11 19.51 7.48
C ALA C 22 -22.11 18.44 7.05
N ASN C 23 -22.30 17.20 7.52
CA ASN C 23 -21.41 16.13 7.12
C ASN C 23 -21.53 15.83 5.63
N LYS C 24 -22.75 15.87 5.10
CA LYS C 24 -22.95 15.73 3.65
C LYS C 24 -22.13 16.75 2.88
N LYS C 25 -22.23 18.02 3.27
CA LYS C 25 -21.51 19.07 2.55
C LYS C 25 -20.00 18.89 2.67
N ILE C 26 -19.52 18.55 3.87
CA ILE C 26 -18.07 18.36 4.06
C ILE C 26 -17.56 17.21 3.21
N GLU C 27 -18.30 16.11 3.15
CA GLU C 27 -17.84 14.97 2.36
C GLU C 27 -17.89 15.28 0.86
N LYS C 28 -18.89 16.05 0.43
CA LYS C 28 -18.95 16.41 -0.98
C LYS C 28 -17.82 17.35 -1.37
N GLN C 29 -17.30 18.13 -0.43
CA GLN C 29 -16.09 18.91 -0.71
C GLN C 29 -14.84 18.05 -0.69
N LEU C 30 -14.75 17.13 0.29
CA LEU C 30 -13.57 16.28 0.41
C LEU C 30 -13.42 15.36 -0.79
N GLN C 31 -14.52 15.01 -1.45
CA GLN C 31 -14.40 14.20 -2.66
C GLN C 31 -13.72 14.95 -3.80
N LYS C 32 -13.84 16.27 -3.82
CA LYS C 32 -13.10 17.07 -4.80
C LYS C 32 -11.66 17.25 -4.37
N ASP C 33 -11.45 17.44 -3.06
CA ASP C 33 -10.08 17.55 -2.55
C ASP C 33 -9.28 16.27 -2.82
N LYS C 34 -9.92 15.11 -2.76
CA LYS C 34 -9.20 13.87 -3.02
C LYS C 34 -8.72 13.79 -4.45
N GLN C 35 -9.55 14.22 -5.40
CA GLN C 35 -9.15 14.18 -6.80
C GLN C 35 -8.07 15.20 -7.11
N VAL C 36 -8.15 16.40 -6.51
CA VAL C 36 -7.07 17.36 -6.76
C VAL C 36 -5.79 16.94 -6.05
N TYR C 37 -5.90 16.13 -4.99
CA TYR C 37 -4.72 15.68 -4.27
C TYR C 37 -4.00 14.57 -5.05
N ARG C 38 -4.75 13.56 -5.49
CA ARG C 38 -4.12 12.41 -6.12
C ARG C 38 -3.63 12.69 -7.54
N ALA C 39 -4.02 13.81 -8.14
CA ALA C 39 -3.56 14.15 -9.47
C ALA C 39 -2.26 14.96 -9.46
N THR C 40 -1.72 15.27 -8.28
CA THR C 40 -0.52 16.08 -8.16
C THR C 40 0.63 15.22 -7.64
N HIS C 41 1.83 15.47 -8.16
CA HIS C 41 3.03 14.74 -7.75
C HIS C 41 3.94 15.68 -6.97
N ARG C 42 4.18 15.35 -5.70
CA ARG C 42 4.97 16.19 -4.81
C ARG C 42 6.42 15.74 -4.82
N LEU C 43 7.33 16.72 -4.95
CA LEU C 43 8.76 16.45 -5.00
C LEU C 43 9.46 17.27 -3.93
N LEU C 44 10.49 16.68 -3.34
CA LEU C 44 11.33 17.36 -2.35
C LEU C 44 12.68 17.65 -2.97
N LEU C 45 13.02 18.92 -3.07
CA LEU C 45 14.28 19.36 -3.65
C LEU C 45 15.31 19.49 -2.54
N LEU C 46 16.22 18.53 -2.46
CA LEU C 46 17.25 18.52 -1.43
C LEU C 46 18.60 18.68 -2.09
N GLY C 47 19.50 19.38 -1.41
CA GLY C 47 20.85 19.55 -1.91
C GLY C 47 21.74 20.06 -0.82
N ALA C 48 23.04 19.88 -1.02
CA ALA C 48 24.05 20.37 -0.09
C ALA C 48 24.45 21.78 -0.47
N GLY C 49 25.45 22.32 0.20
CA GLY C 49 25.93 23.66 -0.12
C GLY C 49 26.63 23.72 -1.46
N GLU C 50 26.62 24.94 -2.04
CA GLU C 50 27.21 25.26 -3.35
C GLU C 50 26.97 24.17 -4.39
N SER C 51 25.74 23.65 -4.42
CA SER C 51 25.36 22.57 -5.32
C SER C 51 24.59 23.04 -6.54
N GLY C 52 24.35 24.35 -6.68
CA GLY C 52 23.58 24.84 -7.80
C GLY C 52 22.11 24.46 -7.77
N LYS C 53 21.56 24.20 -6.58
CA LYS C 53 20.18 23.77 -6.47
C LYS C 53 19.21 24.90 -6.84
N SER C 54 19.48 26.11 -6.33
CA SER C 54 18.66 27.26 -6.67
C SER C 54 18.70 27.57 -8.16
N THR C 55 19.75 27.13 -8.86
CA THR C 55 19.83 27.33 -10.29
C THR C 55 18.85 26.42 -11.03
N ILE C 56 18.78 25.15 -10.61
CA ILE C 56 17.87 24.23 -11.30
C ILE C 56 16.45 24.36 -10.76
N VAL C 57 16.25 25.20 -9.73
CA VAL C 57 14.89 25.62 -9.40
C VAL C 57 14.20 26.24 -10.61
N LYS C 58 14.96 26.96 -11.44
CA LYS C 58 14.48 27.50 -12.71
C LYS C 58 13.97 26.39 -13.62
N SER C 191 10.46 32.30 5.71
CA SER C 191 9.67 31.13 5.33
C SER C 191 10.44 29.84 5.57
N GLY C 192 9.75 28.85 6.13
CA GLY C 192 10.39 27.56 6.35
C GLY C 192 10.44 26.70 5.11
N ILE C 193 9.41 26.77 4.29
CA ILE C 193 9.32 25.97 3.07
C ILE C 193 9.07 26.90 1.90
N PHE C 194 9.78 26.65 0.80
CA PHE C 194 9.54 27.32 -0.46
C PHE C 194 8.85 26.36 -1.42
N GLU C 195 7.60 26.62 -1.72
CA GLU C 195 6.85 25.85 -2.70
C GLU C 195 7.14 26.38 -4.11
N THR C 196 6.95 25.51 -5.10
CA THR C 196 7.06 25.90 -6.49
C THR C 196 6.31 24.90 -7.35
N LYS C 197 5.31 25.38 -8.08
CA LYS C 197 4.47 24.54 -8.93
C LYS C 197 4.87 24.72 -10.38
N PHE C 198 4.94 23.61 -11.11
CA PHE C 198 5.07 23.64 -12.55
C PHE C 198 4.18 22.56 -13.14
N GLN C 199 4.25 22.42 -14.47
CA GLN C 199 3.29 21.60 -15.19
C GLN C 199 3.92 21.13 -16.50
N VAL C 200 3.97 19.81 -16.69
CA VAL C 200 4.53 19.21 -17.89
C VAL C 200 3.50 18.24 -18.46
N ASP C 201 3.04 18.53 -19.69
CA ASP C 201 2.07 17.70 -20.41
C ASP C 201 0.84 17.41 -19.56
N LYS C 202 0.20 18.48 -19.10
CA LYS C 202 -1.04 18.46 -18.33
C LYS C 202 -0.91 17.74 -16.99
N VAL C 203 0.31 17.57 -16.48
CA VAL C 203 0.55 16.92 -15.20
C VAL C 203 1.05 17.98 -14.22
N ASN C 204 0.41 18.06 -13.06
CA ASN C 204 0.72 19.09 -12.07
C ASN C 204 1.77 18.55 -11.11
N PHE C 205 2.89 19.26 -11.03
CA PHE C 205 3.96 18.95 -10.11
C PHE C 205 4.03 20.00 -9.00
N HIS C 206 4.57 19.59 -7.87
CA HIS C 206 4.62 20.42 -6.67
C HIS C 206 5.96 20.18 -6.01
N MET C 207 6.92 21.07 -6.23
CA MET C 207 8.27 20.92 -5.69
C MET C 207 8.44 21.76 -4.44
N PHE C 208 9.15 21.21 -3.46
CA PHE C 208 9.32 21.85 -2.16
C PHE C 208 10.80 21.94 -1.82
N ASP C 209 11.20 23.06 -1.21
CA ASP C 209 12.57 23.29 -0.78
C ASP C 209 12.56 23.83 0.63
N VAL C 210 13.39 23.24 1.50
CA VAL C 210 13.47 23.64 2.90
C VAL C 210 14.40 24.84 2.99
N GLY C 211 13.87 25.98 3.44
CA GLY C 211 14.70 27.17 3.54
C GLY C 211 15.27 27.41 4.91
N ALA C 212 14.39 27.50 5.92
CA ALA C 212 14.75 28.11 7.19
C ALA C 212 15.22 27.10 8.22
N GLN C 213 15.01 25.81 7.95
CA GLN C 213 15.33 24.78 8.91
C GLN C 213 16.84 24.69 9.17
N ARG C 214 17.32 24.23 10.40
CA ARG C 214 18.68 23.92 10.83
C ARG C 214 19.17 22.65 10.14
N ASP C 215 20.45 22.37 10.33
CA ASP C 215 21.11 21.24 9.68
C ASP C 215 21.05 19.99 10.54
N GLU C 216 19.87 19.67 11.06
CA GLU C 216 19.66 18.49 11.86
C GLU C 216 18.94 17.38 11.11
N ARG C 217 17.79 17.69 10.51
CA ARG C 217 17.17 16.89 9.46
C ARG C 217 16.57 15.56 9.91
N ARG C 218 16.86 15.07 11.10
CA ARG C 218 16.37 13.74 11.41
C ARG C 218 14.94 13.74 11.88
N LYS C 219 14.37 14.91 12.13
CA LYS C 219 13.00 15.01 12.62
C LYS C 219 12.05 15.58 11.59
N TRP C 220 12.54 16.43 10.62
CA TRP C 220 11.63 16.96 9.60
C TRP C 220 11.72 16.23 8.27
N ILE C 221 12.73 15.39 8.07
CA ILE C 221 12.78 14.61 6.85
C ILE C 221 11.79 13.45 6.89
N GLN C 222 11.30 13.09 8.07
CA GLN C 222 10.28 12.07 8.19
C GLN C 222 8.93 12.53 7.66
N CYS C 223 8.73 13.84 7.55
CA CYS C 223 7.50 14.38 6.97
C CYS C 223 7.41 14.12 5.48
N PHE C 224 8.48 13.65 4.85
CA PHE C 224 8.55 13.56 3.40
C PHE C 224 8.54 12.11 2.91
N ASN C 225 7.73 11.27 3.52
CA ASN C 225 7.19 10.13 2.82
C ASN C 225 6.08 10.60 1.89
N ASP C 226 5.49 9.65 1.17
CA ASP C 226 4.38 9.90 0.25
C ASP C 226 4.77 10.83 -0.89
N VAL C 227 6.03 11.24 -0.99
CA VAL C 227 6.50 12.03 -2.12
C VAL C 227 6.83 11.06 -3.24
N THR C 228 6.68 11.52 -4.48
CA THR C 228 6.96 10.66 -5.61
C THR C 228 8.46 10.38 -5.71
N ALA C 229 9.28 11.36 -5.38
CA ALA C 229 10.72 11.22 -5.47
C ALA C 229 11.38 12.32 -4.64
N ILE C 230 12.64 12.08 -4.29
CA ILE C 230 13.49 13.08 -3.67
C ILE C 230 14.52 13.50 -4.70
N ILE C 231 14.50 14.78 -5.06
CA ILE C 231 15.46 15.32 -6.01
C ILE C 231 16.69 15.74 -5.23
N PHE C 232 17.80 15.04 -5.45
CA PHE C 232 19.03 15.21 -4.69
C PHE C 232 20.10 15.78 -5.61
N VAL C 233 20.67 16.92 -5.23
CA VAL C 233 21.61 17.65 -6.07
C VAL C 233 22.98 17.65 -5.39
N VAL C 234 24.02 17.32 -6.17
CA VAL C 234 25.38 17.20 -5.67
C VAL C 234 26.29 18.04 -6.53
N ALA C 235 27.20 18.78 -5.90
CA ALA C 235 28.23 19.53 -6.63
C ALA C 235 29.33 18.55 -7.04
N SER C 236 29.11 17.90 -8.18
CA SER C 236 30.03 16.87 -8.65
C SER C 236 31.29 17.46 -9.25
N SER C 237 32.15 18.03 -8.40
CA SER C 237 33.35 18.69 -8.88
C SER C 237 34.55 18.35 -8.03
N GLN C 248 38.58 22.87 -0.13
CA GLN C 248 38.38 23.20 1.27
C GLN C 248 37.93 21.99 2.07
N THR C 249 36.67 21.62 1.92
CA THR C 249 36.06 20.50 2.64
C THR C 249 35.59 19.47 1.63
N ASN C 250 35.73 18.18 1.99
CA ASN C 250 35.26 17.09 1.15
C ASN C 250 33.73 17.06 1.21
N ARG C 251 33.12 17.90 0.38
CA ARG C 251 31.66 17.99 0.32
C ARG C 251 31.05 16.90 -0.55
N LEU C 252 31.83 16.29 -1.44
CA LEU C 252 31.36 15.09 -2.13
C LEU C 252 31.14 13.94 -1.16
N GLN C 253 32.02 13.78 -0.18
CA GLN C 253 31.82 12.74 0.82
C GLN C 253 30.67 13.07 1.75
N ALA C 254 30.48 14.36 2.07
CA ALA C 254 29.31 14.76 2.83
C ALA C 254 28.03 14.40 2.09
N ALA C 255 28.01 14.62 0.77
CA ALA C 255 26.84 14.24 -0.02
C ALA C 255 26.64 12.73 -0.02
N LEU C 256 27.73 11.96 -0.07
CA LEU C 256 27.60 10.51 -0.03
C LEU C 256 27.04 10.03 1.31
N LYS C 257 27.47 10.66 2.41
CA LYS C 257 26.94 10.27 3.72
C LYS C 257 25.47 10.65 3.86
N LEU C 258 25.08 11.82 3.35
CA LEU C 258 23.67 12.21 3.39
C LEU C 258 22.82 11.25 2.55
N PHE C 259 23.32 10.87 1.38
CA PHE C 259 22.60 9.91 0.54
C PHE C 259 22.49 8.55 1.22
N ASP C 260 23.55 8.13 1.90
CA ASP C 260 23.52 6.85 2.62
C ASP C 260 22.54 6.88 3.78
N SER C 261 22.41 8.03 4.45
CA SER C 261 21.42 8.13 5.53
C SER C 261 20.01 8.17 4.98
N ILE C 262 19.81 8.81 3.82
CA ILE C 262 18.46 8.91 3.27
C ILE C 262 18.01 7.58 2.71
N TRP C 263 18.89 6.87 2.01
CA TRP C 263 18.55 5.59 1.41
C TRP C 263 18.28 4.50 2.45
N ASN C 264 18.80 4.65 3.67
CA ASN C 264 18.72 3.61 4.67
C ASN C 264 17.88 3.99 5.88
N ASN C 265 17.07 5.03 5.75
CA ASN C 265 16.16 5.40 6.83
C ASN C 265 14.97 4.46 6.86
N LYS C 266 14.51 4.15 8.07
CA LYS C 266 13.40 3.22 8.25
C LYS C 266 12.13 3.72 7.57
N TRP C 267 11.97 5.03 7.43
CA TRP C 267 10.75 5.58 6.87
C TRP C 267 10.90 5.97 5.40
N LEU C 268 12.12 6.21 4.93
CA LEU C 268 12.37 6.52 3.55
C LEU C 268 12.67 5.28 2.70
N ARG C 269 12.28 4.09 3.19
CA ARG C 269 12.56 2.86 2.47
C ARG C 269 11.78 2.74 1.17
N ASP C 270 10.73 3.52 0.99
CA ASP C 270 9.86 3.41 -0.17
C ASP C 270 9.94 4.60 -1.11
N THR C 271 10.69 5.65 -0.77
CA THR C 271 10.78 6.84 -1.60
C THR C 271 12.00 6.73 -2.51
N SER C 272 11.81 7.10 -3.78
CA SER C 272 12.86 7.05 -4.78
C SER C 272 13.64 8.36 -4.80
N VAL C 273 14.85 8.29 -5.32
CA VAL C 273 15.77 9.42 -5.36
C VAL C 273 16.15 9.68 -6.81
N ILE C 274 15.97 10.91 -7.26
CA ILE C 274 16.43 11.36 -8.56
C ILE C 274 17.70 12.16 -8.34
N LEU C 275 18.83 11.58 -8.73
CA LEU C 275 20.14 12.15 -8.43
C LEU C 275 20.59 13.02 -9.59
N PHE C 276 20.82 14.30 -9.30
CA PHE C 276 21.30 15.26 -10.28
C PHE C 276 22.75 15.56 -9.95
N LEU C 277 23.67 14.95 -10.70
CA LEU C 277 25.10 15.15 -10.50
C LEU C 277 25.49 16.42 -11.26
N ASN C 278 25.66 17.51 -10.54
CA ASN C 278 25.73 18.84 -11.11
C ASN C 278 27.16 19.24 -11.41
N LYS C 279 27.30 20.39 -12.06
CA LYS C 279 28.58 21.04 -12.32
C LYS C 279 29.54 20.11 -13.04
N GLN C 280 29.09 19.63 -14.19
CA GLN C 280 29.96 18.82 -15.04
C GLN C 280 30.94 19.71 -15.80
N ASP C 281 30.54 20.94 -16.09
CA ASP C 281 31.44 21.87 -16.78
C ASP C 281 32.63 22.21 -15.89
N LEU C 282 32.37 22.49 -14.61
CA LEU C 282 33.47 22.75 -13.68
C LEU C 282 34.30 21.50 -13.44
N LEU C 283 33.67 20.32 -13.47
CA LEU C 283 34.41 19.06 -13.35
C LEU C 283 35.41 18.91 -14.47
N ALA C 284 34.97 19.15 -15.72
CA ALA C 284 35.89 19.11 -16.85
C ALA C 284 36.96 20.18 -16.72
N GLU C 285 36.56 21.39 -16.31
CA GLU C 285 37.51 22.49 -16.18
C GLU C 285 38.59 22.18 -15.15
N LYS C 286 38.27 21.40 -14.14
CA LYS C 286 39.25 21.05 -13.12
C LYS C 286 40.09 19.84 -13.51
N VAL C 287 39.50 18.83 -14.15
CA VAL C 287 40.29 17.67 -14.52
C VAL C 287 41.15 17.94 -15.74
N LEU C 288 40.85 18.97 -16.52
CA LEU C 288 41.76 19.38 -17.59
C LEU C 288 42.99 20.07 -17.01
N ALA C 289 42.79 21.00 -16.09
CA ALA C 289 43.90 21.68 -15.43
C ALA C 289 44.50 20.80 -14.34
N ILE C 294 42.70 14.10 -7.69
CA ILE C 294 41.41 13.55 -7.31
C ILE C 294 41.56 12.25 -6.51
N GLU C 295 42.52 11.41 -6.90
CA GLU C 295 42.76 10.17 -6.17
C GLU C 295 43.38 10.39 -4.80
N ASP C 296 43.69 11.64 -4.43
CA ASP C 296 44.13 11.92 -3.07
C ASP C 296 42.99 11.73 -2.07
N TYR C 297 41.77 12.09 -2.49
CA TYR C 297 40.61 11.95 -1.63
C TYR C 297 39.82 10.69 -1.90
N PHE C 298 40.05 10.05 -3.05
CA PHE C 298 39.40 8.80 -3.41
C PHE C 298 40.47 7.86 -3.94
N PRO C 299 41.03 7.00 -3.10
CA PRO C 299 42.15 6.14 -3.55
C PRO C 299 41.77 5.16 -4.65
N GLU C 300 40.52 4.72 -4.71
CA GLU C 300 40.11 3.74 -5.70
C GLU C 300 39.97 4.34 -7.10
N PHE C 301 40.23 5.63 -7.28
CA PHE C 301 40.20 6.21 -8.61
C PHE C 301 41.43 5.82 -9.41
N ALA C 302 42.52 5.45 -8.73
CA ALA C 302 43.70 4.95 -9.41
C ALA C 302 43.50 3.56 -9.99
N ARG C 303 42.49 2.83 -9.55
CA ARG C 303 42.17 1.53 -10.09
C ARG C 303 40.93 1.54 -10.98
N TYR C 304 40.24 2.67 -11.08
CA TYR C 304 38.94 2.69 -11.73
C TYR C 304 39.06 2.67 -13.24
N THR C 305 38.29 1.79 -13.88
CA THR C 305 38.20 1.70 -15.32
C THR C 305 36.82 2.18 -15.76
N THR C 306 36.77 3.00 -16.81
CA THR C 306 35.50 3.48 -17.33
C THR C 306 34.62 2.30 -17.75
N PRO C 307 33.34 2.31 -17.39
CA PRO C 307 32.45 1.22 -17.82
C PRO C 307 32.28 1.23 -19.33
N GLU C 308 32.38 0.05 -19.95
CA GLU C 308 32.23 -0.06 -21.38
C GLU C 308 30.80 0.16 -21.86
N ASP C 309 29.83 0.28 -20.95
CA ASP C 309 28.49 0.69 -21.29
C ASP C 309 28.30 2.20 -21.18
N ALA C 310 29.38 2.97 -21.29
CA ALA C 310 29.29 4.41 -21.19
C ALA C 310 28.61 5.00 -22.41
N THR C 311 27.95 6.14 -22.20
CA THR C 311 27.30 6.90 -23.26
C THR C 311 27.87 8.31 -23.31
N PRO C 312 29.09 8.46 -23.81
CA PRO C 312 29.75 9.76 -23.81
C PRO C 312 29.12 10.72 -24.81
N GLU C 313 29.52 11.98 -24.70
CA GLU C 313 29.11 13.03 -25.61
C GLU C 313 30.17 13.19 -26.69
N PRO C 314 29.78 13.70 -27.88
CA PRO C 314 30.74 13.75 -29.00
C PRO C 314 31.89 14.71 -28.76
N GLY C 315 33.11 14.23 -28.97
CA GLY C 315 34.31 15.03 -28.79
C GLY C 315 34.73 15.25 -27.36
N GLU C 316 34.20 14.48 -26.42
CA GLU C 316 34.48 14.72 -25.01
C GLU C 316 35.73 13.96 -24.57
N ASP C 317 36.43 14.56 -23.61
CA ASP C 317 37.64 14.02 -23.01
C ASP C 317 37.36 12.67 -22.35
N PRO C 318 38.21 11.67 -22.62
CA PRO C 318 38.19 10.44 -21.82
C PRO C 318 38.62 10.59 -20.36
N ARG C 319 39.07 11.77 -19.94
CA ARG C 319 39.35 12.03 -18.54
C ARG C 319 38.10 12.41 -17.75
N VAL C 320 37.34 13.38 -18.26
CA VAL C 320 36.14 13.83 -17.56
C VAL C 320 35.07 12.76 -17.60
N THR C 321 35.03 11.95 -18.65
CA THR C 321 34.12 10.81 -18.70
C THR C 321 34.43 9.84 -17.56
N ARG C 322 35.71 9.54 -17.36
CA ARG C 322 36.10 8.62 -16.30
C ARG C 322 35.81 9.20 -14.92
N ALA C 323 36.08 10.49 -14.72
CA ALA C 323 35.78 11.12 -13.44
C ALA C 323 34.30 11.08 -13.12
N LYS C 324 33.46 11.50 -14.07
CA LYS C 324 32.03 11.58 -13.81
C LYS C 324 31.45 10.19 -13.57
N TYR C 325 31.92 9.19 -14.31
CA TYR C 325 31.39 7.86 -14.10
C TYR C 325 31.93 7.26 -12.80
N PHE C 326 33.09 7.70 -12.33
CA PHE C 326 33.55 7.28 -11.01
C PHE C 326 32.61 7.80 -9.92
N ILE C 327 32.21 9.06 -10.01
CA ILE C 327 31.31 9.61 -9.00
C ILE C 327 29.94 8.92 -9.06
N ARG C 328 29.46 8.66 -10.27
CA ARG C 328 28.19 7.95 -10.42
C ARG C 328 28.28 6.54 -9.82
N ASP C 329 29.42 5.87 -10.00
CA ASP C 329 29.57 4.54 -9.43
C ASP C 329 29.67 4.60 -7.91
N GLU C 330 30.26 5.67 -7.37
CA GLU C 330 30.29 5.85 -5.93
C GLU C 330 28.88 5.96 -5.35
N PHE C 331 27.97 6.60 -6.08
CA PHE C 331 26.60 6.67 -5.58
C PHE C 331 25.83 5.37 -5.80
N LEU C 332 26.04 4.72 -6.96
CA LEU C 332 25.38 3.45 -7.22
C LEU C 332 25.83 2.35 -6.28
N ARG C 333 27.04 2.45 -5.73
CA ARG C 333 27.49 1.48 -4.74
C ARG C 333 26.57 1.46 -3.52
N ILE C 334 26.18 2.63 -3.04
CA ILE C 334 25.20 2.69 -1.95
C ILE C 334 23.83 2.26 -2.44
N SER C 335 23.46 2.68 -3.65
CA SER C 335 22.11 2.41 -4.13
C SER C 335 21.85 0.91 -4.31
N THR C 336 22.85 0.14 -4.73
CA THR C 336 22.65 -1.27 -5.00
C THR C 336 22.86 -2.16 -3.79
N ALA C 337 23.50 -1.67 -2.74
CA ALA C 337 23.76 -2.48 -1.56
C ALA C 337 22.49 -2.77 -0.76
N SER C 338 21.42 -2.02 -0.95
CA SER C 338 20.18 -2.21 -0.21
C SER C 338 19.01 -1.88 -1.12
N GLY C 339 17.81 -1.90 -0.55
CA GLY C 339 16.60 -1.56 -1.28
C GLY C 339 15.62 -2.71 -1.43
N ASP C 340 16.12 -3.89 -1.79
CA ASP C 340 15.32 -5.11 -1.91
C ASP C 340 14.10 -4.94 -2.82
N GLY C 341 14.20 -4.06 -3.80
CA GLY C 341 13.09 -3.82 -4.70
C GLY C 341 11.98 -2.98 -4.12
N ARG C 342 12.32 -1.97 -3.31
CA ARG C 342 11.34 -1.07 -2.73
C ARG C 342 11.41 0.34 -3.29
N HIS C 343 12.59 0.77 -3.74
CA HIS C 343 12.78 2.13 -4.24
C HIS C 343 13.98 2.13 -5.16
N TYR C 344 14.02 3.10 -6.05
CA TYR C 344 14.98 3.13 -7.14
C TYR C 344 15.71 4.47 -7.18
N CYS C 345 16.84 4.47 -7.87
CA CYS C 345 17.71 5.64 -7.99
C CYS C 345 17.92 5.97 -9.45
N TYR C 346 17.87 7.25 -9.78
CA TYR C 346 17.94 7.72 -11.16
C TYR C 346 19.04 8.77 -11.27
N PRO C 347 20.25 8.37 -11.62
CA PRO C 347 21.35 9.34 -11.72
C PRO C 347 21.33 10.07 -13.05
N HIS C 348 21.62 11.37 -12.99
CA HIS C 348 21.70 12.20 -14.18
C HIS C 348 22.90 13.12 -14.07
N PHE C 349 23.34 13.61 -15.22
CA PHE C 349 24.42 14.59 -15.32
C PHE C 349 23.83 15.91 -15.80
N THR C 350 23.91 16.94 -14.96
CA THR C 350 23.35 18.24 -15.30
C THR C 350 24.43 19.31 -15.31
N CYS C 351 24.42 20.14 -16.35
CA CYS C 351 25.40 21.20 -16.51
C CYS C 351 24.82 22.53 -16.02
N ALA C 352 25.56 23.61 -16.33
CA ALA C 352 25.09 24.94 -15.96
C ALA C 352 23.86 25.34 -16.78
N VAL C 353 23.81 24.95 -18.06
CA VAL C 353 22.70 25.26 -18.94
C VAL C 353 22.06 23.94 -19.39
N ASP C 354 20.91 23.60 -18.81
CA ASP C 354 20.15 22.42 -19.17
C ASP C 354 18.67 22.70 -18.97
N THR C 355 17.94 22.83 -20.07
CA THR C 355 16.48 22.94 -20.00
C THR C 355 15.83 21.57 -19.86
N GLU C 356 16.60 20.50 -20.11
CA GLU C 356 16.07 19.14 -20.14
C GLU C 356 15.84 18.55 -18.77
N ASN C 357 16.12 19.30 -17.70
CA ASN C 357 16.02 18.72 -16.35
C ASN C 357 14.57 18.46 -15.96
N ILE C 358 13.66 19.33 -16.38
CA ILE C 358 12.25 19.15 -16.06
C ILE C 358 11.70 17.93 -16.80
N ARG C 359 12.11 17.75 -18.06
CA ARG C 359 11.73 16.57 -18.81
C ARG C 359 12.30 15.30 -18.18
N ARG C 360 13.52 15.38 -17.65
CA ARG C 360 14.12 14.23 -16.97
C ARG C 360 13.32 13.85 -15.73
N VAL C 361 12.95 14.84 -14.93
CA VAL C 361 12.17 14.58 -13.72
C VAL C 361 10.82 13.99 -14.09
N PHE C 362 10.22 14.47 -15.18
CA PHE C 362 8.94 13.94 -15.66
C PHE C 362 9.05 12.47 -16.03
N ASN C 363 10.06 12.12 -16.84
CA ASN C 363 10.24 10.73 -17.23
C ASN C 363 10.50 9.82 -16.03
N ASP C 364 11.28 10.32 -15.06
CA ASP C 364 11.59 9.50 -13.90
C ASP C 364 10.35 9.28 -13.02
N CYS C 365 9.53 10.31 -12.87
CA CYS C 365 8.29 10.14 -12.11
C CYS C 365 7.35 9.17 -12.79
N ARG C 366 7.30 9.21 -14.12
CA ARG C 366 6.52 8.22 -14.87
C ARG C 366 7.01 6.81 -14.62
N ASP C 367 8.33 6.61 -14.62
CA ASP C 367 8.89 5.30 -14.32
C ASP C 367 8.53 4.83 -12.91
N ILE C 368 8.57 5.74 -11.94
CA ILE C 368 8.26 5.36 -10.56
C ILE C 368 6.81 4.92 -10.44
N ILE C 369 5.89 5.66 -11.08
CA ILE C 369 4.47 5.32 -11.02
C ILE C 369 4.23 3.97 -11.70
N GLN C 370 4.90 3.73 -12.83
CA GLN C 370 4.73 2.47 -13.52
C GLN C 370 5.20 1.30 -12.67
N ARG C 371 6.36 1.45 -12.03
CA ARG C 371 6.88 0.35 -11.20
C ARG C 371 6.03 0.12 -9.96
N MET C 372 5.46 1.17 -9.38
CA MET C 372 4.57 0.98 -8.24
C MET C 372 3.29 0.25 -8.66
N HIS C 373 2.72 0.63 -9.80
CA HIS C 373 1.53 -0.07 -10.28
C HIS C 373 1.83 -1.53 -10.61
N LEU C 374 3.02 -1.81 -11.14
CA LEU C 374 3.39 -3.19 -11.44
C LEU C 374 3.60 -4.00 -10.16
N ARG C 375 4.23 -3.39 -9.16
CA ARG C 375 4.43 -4.09 -7.89
C ARG C 375 3.12 -4.37 -7.18
N GLN C 376 2.10 -3.53 -7.41
CA GLN C 376 0.78 -3.83 -6.85
C GLN C 376 0.14 -5.09 -7.45
N TYR C 377 0.61 -5.55 -8.61
CA TYR C 377 0.16 -6.80 -9.20
C TYR C 377 1.11 -7.95 -8.96
N GLU C 378 2.19 -7.73 -8.20
CA GLU C 378 3.25 -8.72 -8.00
C GLU C 378 3.83 -9.18 -9.32
N LEU C 379 4.11 -8.22 -10.20
CA LEU C 379 4.72 -8.49 -11.49
C LEU C 379 6.20 -8.14 -11.54
N LEU C 380 6.70 -7.37 -10.59
CA LEU C 380 8.11 -7.06 -10.52
C LEU C 380 8.72 -7.54 -9.20
N GLU D 17 39.59 31.54 29.50
CA GLU D 17 38.89 31.34 30.77
C GLU D 17 37.74 30.37 30.52
N LEU D 18 38.08 29.23 29.92
CA LEU D 18 37.09 28.25 29.48
C LEU D 18 37.13 26.97 30.29
N ASP D 19 38.31 26.41 30.52
CA ASP D 19 38.39 25.14 31.24
C ASP D 19 38.02 25.31 32.70
N GLN D 20 38.29 26.48 33.28
CA GLN D 20 37.89 26.72 34.67
C GLN D 20 36.38 26.79 34.80
N LEU D 21 35.72 27.44 33.85
CA LEU D 21 34.26 27.47 33.86
C LEU D 21 33.68 26.08 33.68
N ARG D 22 34.32 25.25 32.85
CA ARG D 22 33.81 23.90 32.66
C ARG D 22 34.04 23.03 33.89
N GLN D 23 35.14 23.24 34.62
CA GLN D 23 35.33 22.49 35.86
C GLN D 23 34.41 22.96 36.96
N GLU D 24 34.07 24.25 36.99
CA GLU D 24 33.03 24.72 37.91
C GLU D 24 31.70 24.07 37.57
N ALA D 25 31.37 24.00 36.29
CA ALA D 25 30.14 23.33 35.87
C ALA D 25 30.18 21.85 36.25
N GLU D 26 31.34 21.22 36.14
CA GLU D 26 31.46 19.80 36.47
C GLU D 26 31.27 19.56 37.96
N GLN D 27 31.86 20.39 38.81
CA GLN D 27 31.65 20.20 40.24
C GLN D 27 30.23 20.53 40.65
N LEU D 28 29.57 21.46 39.95
CA LEU D 28 28.16 21.69 40.20
C LEU D 28 27.33 20.49 39.80
N LYS D 29 27.66 19.87 38.67
CA LYS D 29 27.00 18.63 38.26
C LYS D 29 27.19 17.53 39.29
N ASN D 30 28.39 17.42 39.87
CA ASN D 30 28.61 16.40 40.89
C ASN D 30 27.82 16.69 42.16
N GLN D 31 27.72 17.96 42.54
CA GLN D 31 26.89 18.34 43.68
C GLN D 31 25.43 17.98 43.44
N ILE D 32 24.93 18.26 42.24
CA ILE D 32 23.55 17.89 41.91
C ILE D 32 23.40 16.37 41.93
N ARG D 33 24.41 15.65 41.45
CA ARG D 33 24.33 14.20 41.35
C ARG D 33 24.22 13.57 42.74
N ASP D 34 25.10 13.94 43.66
CA ASP D 34 25.00 13.31 44.98
C ASP D 34 23.89 13.91 45.83
N ALA D 35 23.45 15.15 45.56
CA ALA D 35 22.26 15.65 46.24
C ALA D 35 21.00 14.92 45.79
N ARG D 36 20.99 14.42 44.56
CA ARG D 36 19.91 13.54 44.14
C ARG D 36 20.07 12.14 44.72
N LYS D 37 21.31 11.66 44.79
CA LYS D 37 21.56 10.30 45.29
C LYS D 37 21.24 10.19 46.78
N ALA D 38 21.37 11.28 47.53
CA ALA D 38 21.05 11.24 48.95
C ALA D 38 19.56 11.16 49.23
N CYS D 39 18.72 11.41 48.23
CA CYS D 39 17.27 11.40 48.42
C CYS D 39 16.62 10.07 48.09
N ALA D 40 17.35 9.16 47.44
CA ALA D 40 16.78 7.87 47.03
C ALA D 40 17.03 6.83 48.12
N ASP D 41 16.15 6.85 49.12
CA ASP D 41 16.20 5.86 50.19
C ASP D 41 15.48 4.58 49.85
N ALA D 42 14.45 4.65 49.01
CA ALA D 42 13.73 3.47 48.54
C ALA D 42 13.28 3.72 47.11
N THR D 43 12.92 2.65 46.43
CA THR D 43 12.44 2.73 45.06
C THR D 43 10.92 2.64 45.03
N LEU D 44 10.35 3.16 43.93
CA LEU D 44 8.91 3.06 43.72
C LEU D 44 8.46 1.60 43.63
N SER D 45 9.35 0.71 43.15
CA SER D 45 9.01 -0.69 43.09
C SER D 45 8.94 -1.31 44.49
N GLN D 46 9.82 -0.88 45.39
CA GLN D 46 9.81 -1.37 46.76
C GLN D 46 8.53 -0.99 47.49
N ILE D 47 7.92 0.12 47.12
CA ILE D 47 6.79 0.67 47.85
C ILE D 47 5.46 0.16 47.32
N THR D 48 5.34 0.00 46.00
CA THR D 48 4.14 -0.54 45.38
C THR D 48 4.28 -2.03 45.07
N ASN D 49 5.00 -2.75 45.91
CA ASN D 49 5.21 -4.18 45.68
C ASN D 49 3.96 -4.98 46.04
N ASN D 50 3.35 -4.68 47.17
CA ASN D 50 2.20 -5.44 47.65
C ASN D 50 0.86 -4.92 47.12
N ILE D 51 0.87 -3.82 46.36
CA ILE D 51 -0.34 -3.36 45.70
C ILE D 51 -0.83 -4.43 44.73
N ASP D 52 -2.15 -4.57 44.63
CA ASP D 52 -2.71 -5.56 43.74
C ASP D 52 -2.56 -5.10 42.29
N PRO D 53 -2.29 -6.02 41.37
CA PRO D 53 -2.21 -5.66 39.95
C PRO D 53 -3.55 -5.23 39.41
N VAL D 54 -3.52 -4.63 38.22
CA VAL D 54 -4.74 -4.16 37.58
C VAL D 54 -5.39 -5.20 36.69
N GLY D 55 -4.67 -6.26 36.35
CA GLY D 55 -5.22 -7.29 35.48
C GLY D 55 -5.05 -6.96 34.01
N ARG D 56 -5.56 -7.86 33.20
CA ARG D 56 -5.56 -7.65 31.75
C ARG D 56 -6.61 -6.62 31.39
N ILE D 57 -6.19 -5.58 30.69
CA ILE D 57 -7.07 -4.48 30.33
C ILE D 57 -7.37 -4.61 28.84
N GLN D 58 -8.56 -5.09 28.53
CA GLN D 58 -9.01 -5.31 27.16
C GLN D 58 -9.86 -4.14 26.71
N MET D 59 -9.50 -3.54 25.58
CA MET D 59 -10.27 -2.45 25.02
C MET D 59 -10.73 -2.81 23.62
N ARG D 60 -11.78 -2.13 23.19
CA ARG D 60 -12.39 -2.36 21.89
C ARG D 60 -12.45 -1.04 21.13
N THR D 61 -12.22 -1.12 19.83
CA THR D 61 -12.35 0.06 18.99
C THR D 61 -13.83 0.33 18.72
N ARG D 62 -14.29 1.52 19.11
CA ARG D 62 -15.70 1.85 19.04
C ARG D 62 -16.06 2.67 17.82
N ARG D 63 -15.17 3.57 17.41
CA ARG D 63 -15.35 4.34 16.19
C ARG D 63 -14.06 4.31 15.39
N THR D 64 -14.20 4.38 14.07
CA THR D 64 -13.07 4.62 13.17
C THR D 64 -13.41 5.82 12.32
N LEU D 65 -12.71 6.93 12.54
CA LEU D 65 -12.98 8.16 11.82
C LEU D 65 -12.21 8.17 10.51
N ARG D 66 -12.92 8.40 9.41
CA ARG D 66 -12.36 8.35 8.07
C ARG D 66 -12.62 9.66 7.34
N GLY D 67 -11.69 10.04 6.47
CA GLY D 67 -11.83 11.28 5.73
C GLY D 67 -10.52 11.99 5.43
N HIS D 68 -9.47 11.67 6.18
CA HIS D 68 -8.16 12.23 5.91
C HIS D 68 -7.48 11.49 4.77
N LEU D 69 -6.84 12.23 3.88
CA LEU D 69 -6.20 11.66 2.70
C LEU D 69 -4.80 11.14 2.95
N ALA D 70 -4.09 11.68 3.94
CA ALA D 70 -2.69 11.36 4.16
C ALA D 70 -2.49 11.14 5.66
N LYS D 71 -1.23 11.07 6.08
CA LYS D 71 -0.93 10.68 7.44
C LYS D 71 -1.35 11.75 8.44
N ILE D 72 -1.74 11.30 9.62
CA ILE D 72 -2.18 12.16 10.71
C ILE D 72 -0.99 12.33 11.65
N TYR D 73 -0.62 13.58 11.92
CA TYR D 73 0.42 13.82 12.92
C TYR D 73 -0.14 14.18 14.28
N ALA D 74 -1.18 14.99 14.35
CA ALA D 74 -1.61 15.54 15.63
C ALA D 74 -3.11 15.32 15.82
N MET D 75 -3.50 15.26 17.09
CA MET D 75 -4.90 15.33 17.47
C MET D 75 -4.99 15.92 18.86
N HIS D 76 -6.13 16.52 19.15
CA HIS D 76 -6.38 17.09 20.48
C HIS D 76 -7.86 17.03 20.78
N TRP D 77 -8.20 16.62 21.99
CA TRP D 77 -9.59 16.57 22.41
C TRP D 77 -10.06 17.94 22.85
N GLY D 78 -11.37 18.16 22.70
CA GLY D 78 -11.99 19.28 23.36
C GLY D 78 -12.25 19.00 24.83
N THR D 79 -12.48 20.06 25.59
CA THR D 79 -12.76 19.89 27.01
C THR D 79 -14.18 19.42 27.29
N ASP D 80 -15.01 19.32 26.26
CA ASP D 80 -16.33 18.70 26.41
C ASP D 80 -16.29 17.20 26.13
N SER D 81 -15.15 16.67 25.72
CA SER D 81 -14.88 15.25 25.48
C SER D 81 -15.75 14.66 24.38
N ARG D 82 -16.39 15.49 23.57
CA ARG D 82 -17.12 15.06 22.38
C ARG D 82 -16.41 15.45 21.10
N LEU D 83 -15.90 16.66 21.03
CA LEU D 83 -15.22 17.18 19.86
C LEU D 83 -13.72 16.91 19.94
N LEU D 84 -13.15 16.57 18.80
CA LEU D 84 -11.70 16.45 18.68
C LEU D 84 -11.27 16.95 17.32
N VAL D 85 -10.11 17.57 17.26
CA VAL D 85 -9.53 18.05 16.01
C VAL D 85 -8.38 17.12 15.65
N SER D 86 -8.15 16.97 14.35
CA SER D 86 -7.01 16.24 13.86
C SER D 86 -6.38 17.01 12.70
N ALA D 87 -5.09 16.78 12.52
CA ALA D 87 -4.30 17.43 11.48
C ALA D 87 -3.64 16.37 10.62
N SER D 88 -3.84 16.46 9.32
CA SER D 88 -3.23 15.54 8.37
C SER D 88 -2.45 16.34 7.35
N GLN D 89 -1.41 15.72 6.80
CA GLN D 89 -0.48 16.45 5.96
C GLN D 89 -0.96 16.61 4.53
N ASP D 90 -2.23 16.29 4.25
CA ASP D 90 -2.85 16.74 3.02
C ASP D 90 -3.33 18.18 3.12
N GLY D 91 -3.28 18.78 4.31
CA GLY D 91 -3.59 20.17 4.50
C GLY D 91 -5.01 20.44 4.98
N LYS D 92 -5.54 19.59 5.85
CA LYS D 92 -6.88 19.79 6.37
C LYS D 92 -6.88 19.62 7.88
N LEU D 93 -7.53 20.53 8.57
CA LEU D 93 -7.96 20.31 9.96
C LEU D 93 -9.41 19.88 9.93
N ILE D 94 -9.68 18.66 10.39
CA ILE D 94 -11.05 18.14 10.42
C ILE D 94 -11.47 17.99 11.87
N ILE D 95 -12.56 18.67 12.24
CA ILE D 95 -13.13 18.58 13.57
C ILE D 95 -14.23 17.53 13.55
N TRP D 96 -14.24 16.65 14.56
CA TRP D 96 -15.11 15.49 14.59
C TRP D 96 -16.04 15.54 15.79
N ASP D 97 -17.24 15.00 15.61
CA ASP D 97 -18.13 14.68 16.72
C ASP D 97 -17.95 13.20 17.00
N SER D 98 -17.19 12.89 18.05
CA SER D 98 -16.80 11.52 18.32
C SER D 98 -17.98 10.62 18.66
N TYR D 99 -19.07 11.20 19.16
CA TYR D 99 -20.22 10.39 19.54
C TYR D 99 -20.96 9.88 18.31
N THR D 100 -21.02 10.67 17.24
CA THR D 100 -21.83 10.34 16.07
C THR D 100 -21.02 10.17 14.79
N THR D 101 -19.70 10.32 14.85
CA THR D 101 -18.80 10.10 13.72
C THR D 101 -19.10 11.10 12.59
N ASN D 102 -19.53 12.31 12.94
CA ASN D 102 -19.83 13.34 11.95
C ASN D 102 -18.74 14.40 11.97
N LYS D 103 -18.47 14.96 10.79
CA LYS D 103 -17.52 16.04 10.66
C LYS D 103 -18.23 17.37 10.85
N VAL D 104 -17.67 18.22 11.72
CA VAL D 104 -18.26 19.52 12.01
C VAL D 104 -17.60 20.62 11.20
N HIS D 105 -16.30 20.53 10.98
CA HIS D 105 -15.57 21.47 10.14
C HIS D 105 -14.50 20.74 9.36
N ALA D 106 -14.15 21.29 8.19
CA ALA D 106 -13.02 20.84 7.39
C ALA D 106 -12.27 22.08 6.92
N ILE D 107 -11.19 22.42 7.62
CA ILE D 107 -10.50 23.69 7.43
C ILE D 107 -9.33 23.47 6.47
N PRO D 108 -9.27 24.17 5.34
CA PRO D 108 -8.10 24.07 4.47
C PRO D 108 -6.99 25.02 4.92
N LEU D 109 -5.77 24.51 4.88
CA LEU D 109 -4.61 25.24 5.37
C LEU D 109 -3.79 25.74 4.19
N ARG D 110 -3.02 26.80 4.43
CA ARG D 110 -2.19 27.36 3.38
C ARG D 110 -0.83 26.68 3.28
N SER D 111 -0.53 25.74 4.18
CA SER D 111 0.69 24.97 4.13
C SER D 111 0.34 23.52 4.44
N SER D 112 0.85 22.60 3.61
CA SER D 112 0.44 21.20 3.73
C SER D 112 1.04 20.53 4.96
N TRP D 113 2.30 20.84 5.28
CA TRP D 113 3.03 20.11 6.31
C TRP D 113 2.68 20.65 7.69
N VAL D 114 1.52 20.27 8.16
CA VAL D 114 1.11 20.52 9.53
C VAL D 114 1.68 19.41 10.41
N MET D 115 2.13 19.80 11.59
CA MET D 115 2.72 18.85 12.53
C MET D 115 2.15 18.97 13.93
N THR D 116 1.41 20.02 14.25
CA THR D 116 0.80 20.18 15.56
C THR D 116 -0.60 20.75 15.40
N CYS D 117 -1.47 20.40 16.33
CA CYS D 117 -2.81 20.97 16.37
C CYS D 117 -3.24 21.07 17.84
N ALA D 118 -3.93 22.16 18.17
CA ALA D 118 -4.38 22.42 19.53
C ALA D 118 -5.82 22.90 19.52
N TYR D 119 -6.57 22.48 20.53
CA TYR D 119 -7.95 22.89 20.73
C TYR D 119 -8.00 23.82 21.95
N ALA D 120 -8.67 24.94 21.80
CA ALA D 120 -8.76 25.87 22.92
C ALA D 120 -9.79 25.37 23.95
N PRO D 121 -9.49 25.46 25.25
CA PRO D 121 -10.45 25.00 26.26
C PRO D 121 -11.76 25.75 26.25
N SER D 122 -11.80 26.96 25.69
CA SER D 122 -13.07 27.64 25.49
C SER D 122 -13.89 27.01 24.37
N GLY D 123 -13.23 26.32 23.44
CA GLY D 123 -13.90 25.72 22.31
C GLY D 123 -14.03 26.61 21.10
N ASN D 124 -13.55 27.84 21.16
CA ASN D 124 -13.75 28.80 20.08
C ASN D 124 -12.64 28.77 19.06
N TYR D 125 -11.43 28.38 19.44
CA TYR D 125 -10.26 28.52 18.60
C TYR D 125 -9.58 27.18 18.37
N VAL D 126 -8.83 27.11 17.28
CA VAL D 126 -7.97 25.98 16.94
C VAL D 126 -6.66 26.54 16.41
N ALA D 127 -5.55 25.91 16.76
CA ALA D 127 -4.23 26.34 16.30
C ALA D 127 -3.50 25.18 15.64
N CYS D 128 -3.02 25.41 14.43
CA CYS D 128 -2.20 24.44 13.70
C CYS D 128 -0.80 25.01 13.51
N GLY D 129 0.08 24.21 12.93
CA GLY D 129 1.45 24.63 12.73
C GLY D 129 2.27 23.51 12.14
N GLY D 130 3.40 23.89 11.56
CA GLY D 130 4.27 22.92 10.93
C GLY D 130 5.57 23.49 10.39
N LEU D 131 5.96 23.05 9.19
CA LEU D 131 7.22 23.44 8.59
C LEU D 131 7.20 24.84 7.99
N ASP D 132 6.11 25.57 8.10
CA ASP D 132 6.05 26.96 7.69
C ASP D 132 6.54 27.92 8.76
N ASN D 133 6.89 27.40 9.93
CA ASN D 133 7.39 28.17 11.07
C ASN D 133 6.37 29.16 11.61
N ILE D 134 5.08 28.93 11.38
CA ILE D 134 4.02 29.86 11.72
C ILE D 134 2.93 29.12 12.49
N CYS D 135 2.44 29.74 13.56
CA CYS D 135 1.29 29.23 14.31
C CYS D 135 0.06 30.02 13.90
N SER D 136 -0.87 29.35 13.25
CA SER D 136 -2.08 29.98 12.74
C SER D 136 -3.25 29.68 13.66
N ILE D 137 -3.92 30.73 14.13
CA ILE D 137 -5.09 30.61 14.97
C ILE D 137 -6.33 30.73 14.09
N TYR D 138 -7.31 29.88 14.34
CA TYR D 138 -8.56 29.88 13.60
C TYR D 138 -9.72 30.15 14.54
N ASN D 139 -10.77 30.75 14.00
CA ASN D 139 -11.93 31.17 14.76
C ASN D 139 -13.11 30.32 14.33
N LEU D 140 -13.55 29.43 15.22
CA LEU D 140 -14.66 28.55 14.90
C LEU D 140 -16.02 29.19 15.17
N LYS D 141 -16.04 30.32 15.88
CA LYS D 141 -17.28 31.01 16.23
C LYS D 141 -17.29 32.34 15.49
N THR D 142 -17.95 32.38 14.35
CA THR D 142 -17.96 33.57 13.50
C THR D 142 -19.40 33.98 13.22
N ARG D 143 -19.54 35.18 12.65
CA ARG D 143 -20.85 35.68 12.27
C ARG D 143 -21.28 35.14 10.91
N GLU D 144 -20.37 35.17 9.93
CA GLU D 144 -20.68 34.70 8.59
C GLU D 144 -20.73 33.19 8.48
N GLY D 145 -20.45 32.46 9.56
CA GLY D 145 -20.45 31.01 9.52
C GLY D 145 -19.25 30.38 8.86
N ASN D 146 -18.18 31.14 8.63
CA ASN D 146 -16.99 30.65 7.96
C ASN D 146 -15.82 30.67 8.91
N VAL D 147 -15.15 29.53 9.07
CA VAL D 147 -13.94 29.46 9.86
C VAL D 147 -12.82 30.16 9.10
N ARG D 148 -12.33 31.26 9.65
CA ARG D 148 -11.29 32.06 9.03
C ARG D 148 -10.08 32.15 9.94
N VAL D 149 -8.95 32.55 9.37
CA VAL D 149 -7.72 32.71 10.14
C VAL D 149 -7.83 33.96 10.99
N SER D 150 -7.74 33.80 12.31
CA SER D 150 -7.68 34.95 13.18
C SER D 150 -6.32 35.64 13.07
N ARG D 151 -5.25 34.93 13.39
CA ARG D 151 -3.92 35.51 13.34
C ARG D 151 -2.90 34.43 13.01
N GLU D 152 -1.80 34.86 12.40
CA GLU D 152 -0.67 33.99 12.09
C GLU D 152 0.53 34.51 12.87
N LEU D 153 1.05 33.68 13.77
CA LEU D 153 2.12 34.09 14.68
C LEU D 153 3.47 33.75 14.07
N ALA D 154 4.24 34.77 13.72
CA ALA D 154 5.55 34.61 13.13
C ALA D 154 6.63 35.03 14.10
N GLY D 155 7.81 34.45 13.96
CA GLY D 155 8.90 34.77 14.84
C GLY D 155 9.82 33.60 15.14
N HIS D 156 9.35 32.38 14.92
CA HIS D 156 10.20 31.22 15.06
C HIS D 156 11.07 31.05 13.82
N THR D 157 12.30 30.62 14.02
CA THR D 157 13.21 30.37 12.91
C THR D 157 13.22 28.90 12.47
N GLY D 158 12.55 28.01 13.21
CA GLY D 158 12.45 26.63 12.82
C GLY D 158 11.00 26.18 12.80
N TYR D 159 10.81 24.91 12.47
CA TYR D 159 9.47 24.35 12.37
C TYR D 159 8.81 24.30 13.75
N LEU D 160 7.48 24.33 13.75
CA LEU D 160 6.70 24.21 14.96
C LEU D 160 6.37 22.75 15.22
N SER D 161 6.68 22.28 16.41
CA SER D 161 6.40 20.89 16.78
C SER D 161 5.22 20.75 17.72
N CYS D 162 4.95 21.76 18.57
CA CYS D 162 3.87 21.64 19.52
C CYS D 162 3.37 23.03 19.87
N CYS D 163 2.07 23.11 20.12
CA CYS D 163 1.41 24.34 20.54
C CYS D 163 0.29 23.98 21.49
N ARG D 164 0.18 24.71 22.60
CA ARG D 164 -0.87 24.47 23.57
C ARG D 164 -1.43 25.79 24.06
N PHE D 165 -2.76 25.88 24.07
CA PHE D 165 -3.44 27.07 24.54
C PHE D 165 -3.37 27.19 26.06
N LEU D 166 -3.37 28.43 26.54
CA LEU D 166 -3.52 28.72 27.97
C LEU D 166 -4.81 29.42 28.28
N ASP D 167 -5.20 30.38 27.45
CA ASP D 167 -6.46 31.09 27.55
C ASP D 167 -6.96 31.25 26.12
N ASP D 168 -7.91 32.16 25.90
CA ASP D 168 -8.26 32.54 24.54
C ASP D 168 -7.26 33.54 23.96
N ASN D 169 -6.32 34.03 24.76
CA ASN D 169 -5.39 35.06 24.34
C ASN D 169 -3.92 34.67 24.46
N GLN D 170 -3.59 33.61 25.18
CA GLN D 170 -2.22 33.17 25.36
C GLN D 170 -2.05 31.77 24.78
N ILE D 171 -0.87 31.52 24.22
CA ILE D 171 -0.55 30.21 23.63
C ILE D 171 0.95 29.99 23.70
N VAL D 172 1.34 28.78 24.06
CA VAL D 172 2.74 28.39 24.17
C VAL D 172 3.09 27.47 23.01
N THR D 173 4.17 27.79 22.31
CA THR D 173 4.61 27.04 21.14
C THR D 173 5.98 26.41 21.41
N SER D 174 6.27 25.36 20.65
CA SER D 174 7.54 24.65 20.70
C SER D 174 8.10 24.55 19.28
N SER D 175 9.37 24.88 19.12
CA SER D 175 9.95 25.00 17.80
C SER D 175 11.22 24.16 17.68
N GLY D 176 11.58 23.89 16.42
CA GLY D 176 12.81 23.23 16.07
C GLY D 176 14.05 24.09 16.12
N ASP D 177 13.92 25.35 16.55
CA ASP D 177 15.07 26.22 16.79
C ASP D 177 15.51 26.21 18.25
N THR D 178 15.21 25.13 18.98
CA THR D 178 15.59 24.93 20.37
C THR D 178 15.00 25.98 21.30
N THR D 179 13.76 26.40 21.07
CA THR D 179 13.15 27.46 21.86
C THR D 179 11.66 27.23 22.00
N CYS D 180 11.14 27.50 23.19
CA CYS D 180 9.72 27.67 23.42
C CYS D 180 9.39 29.14 23.55
N ALA D 181 8.13 29.49 23.28
CA ALA D 181 7.72 30.89 23.26
C ALA D 181 6.30 31.04 23.78
N LEU D 182 6.04 32.16 24.43
CA LEU D 182 4.71 32.54 24.92
C LEU D 182 4.21 33.70 24.08
N TRP D 183 2.96 33.60 23.61
CA TRP D 183 2.41 34.56 22.68
C TRP D 183 1.20 35.27 23.28
N ASP D 184 0.96 36.48 22.81
CA ASP D 184 -0.22 37.26 23.16
C ASP D 184 -1.02 37.43 21.88
N ILE D 185 -2.13 36.71 21.77
CA ILE D 185 -2.78 36.52 20.47
C ILE D 185 -3.37 37.82 19.96
N GLU D 186 -3.89 38.67 20.84
CA GLU D 186 -4.52 39.90 20.35
C GLU D 186 -3.50 40.87 19.77
N THR D 187 -2.26 40.86 20.26
CA THR D 187 -1.23 41.71 19.67
C THR D 187 -0.33 40.96 18.70
N GLY D 188 -0.35 39.64 18.71
CA GLY D 188 0.49 38.86 17.83
C GLY D 188 1.96 38.85 18.17
N GLN D 189 2.34 39.33 19.34
CA GLN D 189 3.74 39.50 19.69
C GLN D 189 4.16 38.49 20.73
N GLN D 190 5.39 38.00 20.59
CA GLN D 190 5.96 37.03 21.51
C GLN D 190 6.31 37.70 22.82
N THR D 191 5.70 37.25 23.92
CA THR D 191 5.93 37.87 25.21
C THR D 191 7.20 37.35 25.87
N THR D 192 7.25 36.04 26.14
CA THR D 192 8.35 35.43 26.86
C THR D 192 9.05 34.44 25.92
N THR D 193 10.36 34.30 26.08
CA THR D 193 11.17 33.41 25.26
C THR D 193 11.92 32.46 26.19
N PHE D 194 11.69 31.16 26.01
CA PHE D 194 12.27 30.14 26.87
C PHE D 194 13.43 29.47 26.16
N THR D 195 14.65 29.80 26.58
CA THR D 195 15.87 29.23 26.03
C THR D 195 16.55 28.31 27.03
N GLY D 196 17.42 27.45 26.52
CA GLY D 196 18.12 26.52 27.37
C GLY D 196 18.40 25.15 26.77
N HIS D 197 17.58 24.71 25.83
CA HIS D 197 17.80 23.43 25.18
C HIS D 197 18.91 23.54 24.14
N THR D 198 19.60 22.42 23.92
CA THR D 198 20.65 22.35 22.91
C THR D 198 20.21 21.58 21.67
N GLY D 199 19.02 20.99 21.68
CA GLY D 199 18.46 20.35 20.52
C GLY D 199 17.01 20.79 20.33
N ASP D 200 16.44 20.34 19.21
CA ASP D 200 15.11 20.80 18.84
C ASP D 200 14.05 20.22 19.77
N VAL D 201 13.13 21.08 20.20
CA VAL D 201 12.13 20.73 21.19
C VAL D 201 10.94 20.10 20.48
N MET D 202 10.50 18.94 20.95
CA MET D 202 9.48 18.16 20.26
C MET D 202 8.12 18.14 20.93
N SER D 203 8.03 18.38 22.24
CA SER D 203 6.77 18.17 22.93
C SER D 203 6.67 19.11 24.13
N LEU D 204 5.43 19.44 24.49
CA LEU D 204 5.12 20.25 25.64
C LEU D 204 3.98 19.61 26.41
N SER D 205 3.94 19.87 27.71
CA SER D 205 2.82 19.46 28.53
C SER D 205 2.56 20.55 29.56
N LEU D 206 1.32 21.02 29.65
CA LEU D 206 0.98 22.05 30.60
C LEU D 206 0.63 21.43 31.94
N ALA D 207 0.91 22.16 32.99
CA ALA D 207 0.51 21.74 34.31
C ALA D 207 -0.98 21.98 34.50
N PRO D 208 -1.64 21.20 35.36
CA PRO D 208 -3.10 21.36 35.54
C PRO D 208 -3.53 22.72 36.06
N ASP D 209 -2.62 23.53 36.60
CA ASP D 209 -2.95 24.88 37.04
C ASP D 209 -2.43 25.95 36.09
N THR D 210 -1.76 25.56 35.01
CA THR D 210 -1.22 26.45 33.98
C THR D 210 -0.21 27.46 34.52
N ARG D 211 0.52 27.11 35.58
CA ARG D 211 1.64 27.92 36.02
C ARG D 211 2.99 27.36 35.59
N LEU D 212 3.04 26.11 35.17
CA LEU D 212 4.28 25.45 34.77
C LEU D 212 4.02 24.67 33.49
N PHE D 213 5.12 24.33 32.80
CA PHE D 213 5.07 23.38 31.70
C PHE D 213 6.46 22.80 31.51
N VAL D 214 6.51 21.60 30.96
CA VAL D 214 7.75 20.87 30.78
C VAL D 214 7.92 20.54 29.30
N SER D 215 9.14 20.69 28.82
CA SER D 215 9.46 20.44 27.41
C SER D 215 10.44 19.29 27.29
N GLY D 216 10.37 18.58 26.17
CA GLY D 216 11.29 17.51 25.87
C GLY D 216 11.90 17.65 24.51
N ALA D 217 13.21 17.83 24.43
CA ALA D 217 13.88 18.12 23.18
C ALA D 217 14.74 16.94 22.74
N CYS D 218 15.30 17.07 21.53
CA CYS D 218 16.19 16.04 21.00
C CYS D 218 17.61 16.22 21.53
N ASP D 219 17.75 16.34 22.84
CA ASP D 219 19.05 16.28 23.49
C ASP D 219 18.99 15.42 24.75
N ALA D 220 18.02 14.49 24.80
CA ALA D 220 17.85 13.55 25.92
C ALA D 220 17.65 14.27 27.24
N SER D 221 16.91 15.37 27.21
CA SER D 221 16.68 16.19 28.39
C SER D 221 15.24 16.66 28.44
N ALA D 222 14.74 16.82 29.66
CA ALA D 222 13.47 17.47 29.92
C ALA D 222 13.71 18.67 30.82
N LYS D 223 12.93 19.73 30.63
CA LYS D 223 13.14 20.95 31.41
C LYS D 223 11.80 21.49 31.89
N LEU D 224 11.79 21.99 33.13
CA LEU D 224 10.62 22.64 33.71
C LEU D 224 10.74 24.14 33.56
N TRP D 225 9.61 24.80 33.34
CA TRP D 225 9.59 26.23 33.08
C TRP D 225 8.54 26.90 33.94
N ASP D 226 8.81 28.14 34.31
CA ASP D 226 7.83 29.00 34.96
C ASP D 226 7.23 29.92 33.89
N VAL D 227 5.94 29.77 33.65
CA VAL D 227 5.28 30.56 32.61
C VAL D 227 5.31 32.04 32.97
N ARG D 228 5.26 32.36 34.26
CA ARG D 228 5.23 33.76 34.69
C ARG D 228 6.56 34.45 34.44
N GLU D 229 7.61 33.99 35.11
CA GLU D 229 8.87 34.72 35.08
C GLU D 229 9.78 34.31 33.93
N GLY D 230 9.60 33.12 33.38
CA GLY D 230 10.41 32.69 32.26
C GLY D 230 11.70 32.00 32.63
N MET D 231 11.76 31.38 33.80
CA MET D 231 12.98 30.79 34.31
C MET D 231 12.88 29.27 34.29
N CYS D 232 14.00 28.62 34.03
CA CYS D 232 14.07 27.17 34.15
C CYS D 232 14.20 26.79 35.62
N ARG D 233 13.36 25.88 36.09
CA ARG D 233 13.36 25.47 37.48
C ARG D 233 14.15 24.19 37.70
N GLN D 234 13.99 23.22 36.81
CA GLN D 234 14.65 21.93 36.94
C GLN D 234 14.97 21.40 35.55
N THR D 235 15.99 20.56 35.49
CA THR D 235 16.34 19.83 34.28
C THR D 235 16.43 18.35 34.63
N PHE D 236 15.84 17.52 33.78
CA PHE D 236 15.75 16.09 34.03
C PHE D 236 16.42 15.34 32.89
N THR D 237 17.38 14.49 33.24
CA THR D 237 18.05 13.62 32.30
C THR D 237 17.80 12.16 32.70
N GLY D 238 18.21 11.26 31.82
CA GLY D 238 18.03 9.85 32.06
C GLY D 238 17.74 9.05 30.82
N HIS D 239 17.15 9.68 29.82
CA HIS D 239 16.93 9.01 28.54
C HIS D 239 18.22 8.99 27.74
N GLU D 240 18.36 7.97 26.90
CA GLU D 240 19.55 7.82 26.09
C GLU D 240 19.41 8.46 24.71
N SER D 241 18.20 8.69 24.24
CA SER D 241 17.97 9.24 22.91
C SER D 241 16.99 10.40 22.96
N ASP D 242 16.50 10.83 21.81
CA ASP D 242 15.65 12.01 21.71
C ASP D 242 14.29 11.76 22.35
N ILE D 243 13.83 12.71 23.16
CA ILE D 243 12.50 12.64 23.73
C ILE D 243 11.48 13.07 22.69
N ASN D 244 10.38 12.31 22.59
CA ASN D 244 9.37 12.54 21.59
C ASN D 244 7.99 12.86 22.16
N ALA D 245 7.78 12.69 23.46
CA ALA D 245 6.47 12.91 24.05
C ALA D 245 6.60 13.11 25.55
N ILE D 246 5.86 14.08 26.09
CA ILE D 246 5.78 14.33 27.51
C ILE D 246 4.31 14.42 27.90
N CYS D 247 3.97 13.90 29.07
CA CYS D 247 2.65 14.10 29.65
C CYS D 247 2.80 14.27 31.16
N PHE D 248 2.00 15.16 31.74
CA PHE D 248 1.93 15.31 33.19
C PHE D 248 1.10 14.21 33.84
N PHE D 249 1.50 13.86 35.06
CA PHE D 249 0.65 13.11 35.94
C PHE D 249 -0.57 13.95 36.32
N PRO D 250 -1.72 13.32 36.56
CA PRO D 250 -2.95 14.11 36.77
C PRO D 250 -2.94 15.07 37.95
N ASN D 251 -1.96 14.99 38.86
CA ASN D 251 -1.91 15.92 39.98
C ASN D 251 -0.88 17.03 39.80
N GLY D 252 -0.01 16.94 38.80
CA GLY D 252 0.96 17.98 38.53
C GLY D 252 2.29 17.82 39.22
N ASN D 253 2.49 16.75 39.97
CA ASN D 253 3.71 16.53 40.72
C ASN D 253 4.66 15.55 40.04
N ALA D 254 4.29 15.02 38.88
CA ALA D 254 5.13 14.07 38.17
C ALA D 254 4.79 14.14 36.69
N PHE D 255 5.68 13.59 35.87
CA PHE D 255 5.45 13.54 34.43
C PHE D 255 6.18 12.34 33.84
N ALA D 256 5.77 11.97 32.63
CA ALA D 256 6.32 10.81 31.94
C ALA D 256 6.78 11.22 30.55
N THR D 257 7.89 10.63 30.12
CA THR D 257 8.51 10.93 28.83
C THR D 257 8.77 9.64 28.06
N GLY D 258 8.53 9.71 26.76
CA GLY D 258 8.84 8.60 25.86
C GLY D 258 9.89 9.03 24.86
N SER D 259 10.80 8.11 24.53
CA SER D 259 11.92 8.45 23.68
C SER D 259 12.10 7.50 22.51
N ASP D 260 13.21 7.65 21.79
CA ASP D 260 13.60 6.76 20.70
C ASP D 260 14.36 5.54 21.18
N ASP D 261 14.60 5.41 22.48
CA ASP D 261 15.28 4.26 23.04
C ASP D 261 14.31 3.21 23.57
N ALA D 262 13.04 3.30 23.20
CA ALA D 262 12.01 2.30 23.50
C ALA D 262 11.75 2.18 24.99
N THR D 263 11.89 3.27 25.73
CA THR D 263 11.57 3.29 27.15
C THR D 263 10.80 4.56 27.49
N CYS D 264 9.72 4.40 28.26
CA CYS D 264 9.11 5.51 28.96
C CYS D 264 9.72 5.59 30.36
N ARG D 265 9.69 6.79 30.93
CA ARG D 265 10.26 7.01 32.25
C ARG D 265 9.42 7.99 33.03
N LEU D 266 9.35 7.79 34.35
CA LEU D 266 8.56 8.62 35.25
C LEU D 266 9.51 9.45 36.11
N PHE D 267 9.21 10.74 36.23
CA PHE D 267 10.03 11.67 36.99
C PHE D 267 9.20 12.35 38.05
N ASP D 268 9.81 12.68 39.17
CA ASP D 268 9.19 13.53 40.16
C ASP D 268 9.77 14.94 40.13
N LEU D 269 8.93 15.90 40.52
CA LEU D 269 9.29 17.30 40.56
C LEU D 269 9.86 17.71 41.91
N ARG D 270 9.48 17.02 42.99
CA ARG D 270 10.01 17.36 44.29
C ARG D 270 11.25 16.54 44.64
N ALA D 271 11.41 15.36 44.05
CA ALA D 271 12.58 14.54 44.27
C ALA D 271 13.66 14.73 43.20
N ASP D 272 13.29 15.31 42.06
CA ASP D 272 14.23 15.67 40.99
C ASP D 272 14.96 14.44 40.44
N GLN D 273 14.27 13.30 40.45
CA GLN D 273 14.87 12.07 39.97
C GLN D 273 13.88 11.33 39.10
N GLU D 274 14.32 10.17 38.62
CA GLU D 274 13.47 9.25 37.88
C GLU D 274 13.05 8.13 38.81
N LEU D 275 11.76 7.79 38.79
CA LEU D 275 11.20 6.82 39.71
C LEU D 275 10.96 5.45 39.10
N MET D 276 10.68 5.39 37.80
CA MET D 276 10.32 4.13 37.18
C MET D 276 10.72 4.17 35.71
N THR D 277 11.02 3.00 35.17
CA THR D 277 11.26 2.81 33.75
C THR D 277 10.29 1.75 33.23
N TYR D 278 9.77 1.97 32.03
CA TYR D 278 8.82 1.07 31.40
C TYR D 278 9.42 0.58 30.10
N SER D 279 9.96 -0.64 30.12
CA SER D 279 10.63 -1.19 28.96
C SER D 279 10.43 -2.70 28.95
N HIS D 280 10.56 -3.27 27.76
CA HIS D 280 10.51 -4.71 27.56
C HIS D 280 11.57 -5.08 26.53
N ASP D 281 12.05 -6.32 26.60
CA ASP D 281 13.08 -6.77 25.67
C ASP D 281 12.54 -6.98 24.26
N ASN D 282 11.24 -7.17 24.12
CA ASN D 282 10.61 -7.37 22.82
C ASN D 282 10.25 -6.06 22.14
N ILE D 283 10.50 -4.92 22.77
CA ILE D 283 10.22 -3.61 22.19
C ILE D 283 11.56 -2.95 21.84
N ILE D 284 11.77 -2.71 20.55
CA ILE D 284 13.00 -2.12 20.06
C ILE D 284 12.68 -0.94 19.14
N CYS D 285 11.44 -0.48 19.17
CA CYS D 285 11.03 0.69 18.40
C CYS D 285 10.71 1.85 19.33
N GLY D 286 10.82 3.05 18.78
CA GLY D 286 10.65 4.24 19.58
C GLY D 286 9.21 4.51 19.96
N ILE D 287 9.06 5.45 20.89
CA ILE D 287 7.76 5.85 21.42
C ILE D 287 7.38 7.19 20.81
N THR D 288 6.15 7.28 20.31
CA THR D 288 5.67 8.48 19.65
C THR D 288 4.79 9.34 20.55
N SER D 289 3.99 8.73 21.41
CA SER D 289 2.98 9.45 22.19
C SER D 289 2.87 8.83 23.57
N VAL D 290 2.44 9.65 24.53
CA VAL D 290 2.36 9.27 25.93
C VAL D 290 1.13 9.94 26.54
N SER D 291 0.37 9.19 27.33
CA SER D 291 -0.77 9.77 28.04
C SER D 291 -1.09 8.94 29.27
N PHE D 292 -1.52 9.60 30.32
CA PHE D 292 -1.99 8.96 31.53
C PHE D 292 -3.51 8.79 31.49
N SER D 293 -4.01 7.95 32.39
CA SER D 293 -5.44 7.84 32.61
C SER D 293 -5.87 8.84 33.68
N LYS D 294 -7.18 8.90 33.92
CA LYS D 294 -7.71 9.91 34.81
C LYS D 294 -7.29 9.69 36.26
N SER D 295 -7.27 8.43 36.70
CA SER D 295 -6.72 8.14 38.01
C SER D 295 -5.22 8.24 38.04
N GLY D 296 -4.56 8.12 36.89
CA GLY D 296 -3.12 8.12 36.82
C GLY D 296 -2.49 6.76 36.97
N ARG D 297 -3.29 5.69 37.00
CA ARG D 297 -2.75 4.36 37.20
C ARG D 297 -2.24 3.74 35.91
N LEU D 298 -2.82 4.12 34.78
CA LEU D 298 -2.41 3.58 33.48
C LEU D 298 -1.67 4.62 32.68
N LEU D 299 -0.59 4.18 32.04
CA LEU D 299 0.18 5.00 31.12
C LEU D 299 0.05 4.38 29.73
N LEU D 300 -0.48 5.13 28.78
CA LEU D 300 -0.69 4.65 27.43
C LEU D 300 0.38 5.24 26.52
N ALA D 301 0.98 4.39 25.70
CA ALA D 301 2.11 4.81 24.88
C ALA D 301 1.96 4.24 23.48
N GLY D 302 2.17 5.08 22.48
CA GLY D 302 2.13 4.67 21.10
C GLY D 302 3.54 4.47 20.56
N TYR D 303 3.71 3.42 19.78
CA TYR D 303 5.03 2.97 19.37
C TYR D 303 5.14 2.99 17.84
N ASP D 304 6.37 2.79 17.37
CA ASP D 304 6.65 2.75 15.94
C ASP D 304 6.30 1.41 15.31
N ASP D 305 6.09 0.37 16.11
CA ASP D 305 5.73 -0.95 15.60
C ASP D 305 4.22 -1.12 15.47
N PHE D 306 3.50 -0.02 15.31
CA PHE D 306 2.09 0.09 14.89
C PHE D 306 1.13 -0.23 16.04
N ASN D 307 1.61 -0.48 17.24
CA ASN D 307 0.77 -0.88 18.36
C ASN D 307 0.72 0.23 19.41
N CYS D 308 -0.02 -0.03 20.47
CA CYS D 308 -0.08 0.85 21.64
C CYS D 308 -0.12 -0.02 22.88
N ASN D 309 0.85 0.15 23.77
CA ASN D 309 0.93 -0.64 24.99
C ASN D 309 0.37 0.14 26.17
N VAL D 310 -0.42 -0.54 26.98
CA VAL D 310 -0.93 0.00 28.23
C VAL D 310 -0.03 -0.47 29.36
N TRP D 311 0.36 0.45 30.22
CA TRP D 311 1.25 0.16 31.32
C TRP D 311 0.54 0.41 32.65
N ASP D 312 1.01 -0.26 33.68
CA ASP D 312 0.65 0.07 35.05
C ASP D 312 1.70 1.06 35.55
N ALA D 313 1.25 2.23 36.00
CA ALA D 313 2.20 3.29 36.33
C ALA D 313 2.91 3.00 37.66
N LEU D 314 2.19 2.51 38.66
CA LEU D 314 2.79 2.24 39.96
C LEU D 314 3.62 0.97 39.97
N LYS D 315 3.54 0.18 38.90
CA LYS D 315 4.36 -1.00 38.71
C LYS D 315 5.05 -0.84 37.36
N ALA D 316 5.61 -1.91 36.81
CA ALA D 316 6.25 -1.83 35.49
C ALA D 316 5.74 -2.94 34.58
N ASP D 317 4.42 -3.10 34.52
CA ASP D 317 3.81 -4.22 33.84
C ASP D 317 2.98 -3.74 32.66
N ARG D 318 2.88 -4.59 31.65
CA ARG D 318 1.98 -4.35 30.53
C ARG D 318 0.60 -4.87 30.88
N ALA D 319 -0.39 -3.99 30.89
CA ALA D 319 -1.75 -4.38 31.20
C ALA D 319 -2.56 -4.73 29.96
N GLY D 320 -2.08 -4.36 28.78
CA GLY D 320 -2.80 -4.70 27.57
C GLY D 320 -2.19 -3.99 26.38
N VAL D 321 -2.65 -4.39 25.21
CA VAL D 321 -2.16 -3.87 23.93
C VAL D 321 -3.35 -3.41 23.11
N LEU D 322 -3.28 -2.18 22.61
CA LEU D 322 -4.24 -1.69 21.63
C LEU D 322 -3.66 -1.96 20.24
N ALA D 323 -4.20 -2.96 19.56
CA ALA D 323 -3.76 -3.33 18.22
C ALA D 323 -4.88 -3.08 17.23
N GLY D 324 -4.52 -2.75 16.00
CA GLY D 324 -5.53 -2.42 15.02
C GLY D 324 -5.14 -1.36 14.02
N HIS D 325 -4.03 -0.67 14.22
CA HIS D 325 -3.53 0.26 13.22
C HIS D 325 -2.57 -0.46 12.28
N ASP D 326 -2.41 0.11 11.09
CA ASP D 326 -1.61 -0.52 10.04
C ASP D 326 -0.38 0.31 9.68
N ASN D 327 -0.10 1.36 10.43
CA ASN D 327 1.12 2.13 10.26
C ASN D 327 1.47 2.78 11.59
N ARG D 328 2.46 3.67 11.56
CA ARG D 328 3.05 4.20 12.76
C ARG D 328 2.06 5.05 13.56
N VAL D 329 1.83 4.66 14.81
CA VAL D 329 0.95 5.39 15.72
C VAL D 329 1.62 6.73 16.01
N SER D 330 0.89 7.83 15.79
CA SER D 330 1.51 9.14 15.84
C SER D 330 1.04 9.96 17.03
N CYS D 331 -0.20 9.74 17.48
CA CYS D 331 -0.80 10.62 18.46
C CYS D 331 -1.76 9.85 19.34
N LEU D 332 -1.74 10.20 20.62
CA LEU D 332 -2.61 9.61 21.63
C LEU D 332 -3.29 10.73 22.40
N GLY D 333 -4.46 10.42 22.93
CA GLY D 333 -5.18 11.36 23.76
C GLY D 333 -6.31 10.76 24.54
N VAL D 334 -6.34 11.02 25.83
CA VAL D 334 -7.41 10.56 26.71
C VAL D 334 -8.31 11.76 27.02
N THR D 335 -9.62 11.53 27.01
CA THR D 335 -10.58 12.58 27.26
C THR D 335 -10.43 13.12 28.68
N ASP D 336 -11.06 14.27 28.93
CA ASP D 336 -10.94 14.92 30.23
C ASP D 336 -11.66 14.14 31.32
N ASP D 337 -12.66 13.35 30.95
CA ASP D 337 -13.38 12.49 31.89
C ASP D 337 -12.90 11.05 31.86
N GLY D 338 -11.86 10.76 31.09
CA GLY D 338 -11.30 9.41 31.06
C GLY D 338 -12.17 8.38 30.40
N MET D 339 -13.18 8.79 29.64
CA MET D 339 -14.14 7.84 29.10
C MET D 339 -13.57 7.08 27.91
N ALA D 340 -12.63 7.65 27.17
CA ALA D 340 -12.13 6.99 25.99
C ALA D 340 -10.72 7.49 25.69
N VAL D 341 -10.07 6.80 24.75
CA VAL D 341 -8.77 7.18 24.24
C VAL D 341 -8.83 7.17 22.71
N ALA D 342 -8.15 8.12 22.09
CA ALA D 342 -8.14 8.26 20.64
C ALA D 342 -6.72 8.10 20.10
N THR D 343 -6.59 7.32 19.03
CA THR D 343 -5.31 7.06 18.40
C THR D 343 -5.38 7.45 16.93
N GLY D 344 -4.36 8.12 16.46
CA GLY D 344 -4.18 8.36 15.04
C GLY D 344 -2.90 7.71 14.57
N SER D 345 -2.73 7.57 13.26
CA SER D 345 -1.57 6.89 12.72
C SER D 345 -1.44 7.24 11.24
N TRP D 346 -0.35 6.78 10.64
CA TRP D 346 -0.02 7.12 9.26
C TRP D 346 -0.84 6.34 8.26
N ASP D 347 -1.72 5.45 8.71
CA ASP D 347 -2.71 4.85 7.85
C ASP D 347 -3.89 5.76 7.59
N SER D 348 -3.84 6.99 8.11
CA SER D 348 -4.84 8.03 7.88
C SER D 348 -6.19 7.67 8.51
N PHE D 349 -6.15 7.09 9.71
CA PHE D 349 -7.37 6.74 10.41
C PHE D 349 -7.26 7.15 11.87
N LEU D 350 -8.40 7.53 12.44
CA LEU D 350 -8.53 7.76 13.87
C LEU D 350 -9.38 6.65 14.46
N LYS D 351 -8.96 6.11 15.59
CA LYS D 351 -9.70 5.05 16.26
C LYS D 351 -9.93 5.46 17.70
N ILE D 352 -11.15 5.22 18.19
CA ILE D 352 -11.54 5.52 19.56
C ILE D 352 -11.76 4.20 20.28
N TRP D 353 -11.12 4.05 21.43
CA TRP D 353 -11.13 2.81 22.17
C TRP D 353 -11.81 3.03 23.51
N ASN D 354 -12.30 1.95 24.09
CA ASN D 354 -13.09 2.04 25.29
C ASN D 354 -13.14 0.70 26.01
N THR E 5 34.56 34.62 21.04
CA THR E 5 34.15 33.24 21.28
C THR E 5 32.89 33.17 22.14
N ALA E 6 31.78 32.77 21.52
CA ALA E 6 30.51 32.71 22.24
C ALA E 6 30.50 31.60 23.28
N SER E 7 31.47 30.68 23.20
CA SER E 7 31.54 29.59 24.17
C SER E 7 31.78 30.11 25.58
N ILE E 8 32.46 31.25 25.72
CA ILE E 8 32.72 31.81 27.05
C ILE E 8 31.41 32.23 27.70
N ALA E 9 30.61 33.04 27.00
CA ALA E 9 29.34 33.49 27.56
C ALA E 9 28.36 32.32 27.73
N GLN E 10 28.39 31.36 26.81
CA GLN E 10 27.53 30.19 26.95
C GLN E 10 27.89 29.39 28.20
N ALA E 11 29.18 29.17 28.45
CA ALA E 11 29.60 28.50 29.66
C ALA E 11 29.27 29.31 30.91
N ARG E 12 29.35 30.65 30.81
CA ARG E 12 28.99 31.50 31.94
C ARG E 12 27.54 31.31 32.33
N LYS E 13 26.64 31.44 31.35
CA LYS E 13 25.22 31.27 31.64
C LYS E 13 24.90 29.83 32.01
N LEU E 14 25.69 28.86 31.54
CA LEU E 14 25.50 27.48 31.95
C LEU E 14 25.82 27.30 33.43
N VAL E 15 26.92 27.88 33.89
CA VAL E 15 27.26 27.79 35.30
C VAL E 15 26.22 28.52 36.15
N GLU E 16 25.74 29.66 35.67
CA GLU E 16 24.67 30.36 36.37
C GLU E 16 23.42 29.49 36.49
N GLN E 17 23.05 28.81 35.40
CA GLN E 17 21.89 27.93 35.44
C GLN E 17 22.11 26.76 36.40
N LEU E 18 23.31 26.20 36.41
CA LEU E 18 23.56 25.04 37.26
C LEU E 18 23.51 25.42 38.73
N LYS E 19 24.03 26.59 39.10
CA LYS E 19 23.91 26.99 40.50
C LYS E 19 22.49 27.44 40.82
N MET E 20 21.73 27.87 39.81
CA MET E 20 20.33 28.17 40.05
C MET E 20 19.53 26.91 40.32
N GLU E 21 19.88 25.81 39.67
CA GLU E 21 19.18 24.54 39.82
C GLU E 21 19.77 23.65 40.91
N ALA E 22 20.90 24.03 41.50
CA ALA E 22 21.54 23.16 42.48
C ALA E 22 20.87 23.26 43.83
N ASN E 23 20.70 24.48 44.34
CA ASN E 23 20.20 24.67 45.71
C ASN E 23 18.69 24.84 45.67
N ILE E 24 18.01 23.70 45.53
CA ILE E 24 16.55 23.63 45.70
C ILE E 24 16.25 22.45 46.61
N ASP E 25 15.20 22.60 47.42
CA ASP E 25 14.90 21.60 48.44
C ASP E 25 14.26 20.37 47.81
N ARG E 26 14.82 19.19 48.12
CA ARG E 26 14.35 17.93 47.58
C ARG E 26 13.74 17.08 48.69
N ILE E 27 12.66 16.38 48.37
CA ILE E 27 12.02 15.48 49.31
C ILE E 27 12.47 14.06 49.02
N LYS E 28 12.21 13.17 49.98
CA LYS E 28 12.60 11.78 49.83
C LYS E 28 11.71 11.07 48.82
N VAL E 29 12.27 10.02 48.22
CA VAL E 29 11.56 9.30 47.16
C VAL E 29 10.41 8.49 47.75
N SER E 30 10.57 7.99 48.97
CA SER E 30 9.48 7.31 49.64
C SER E 30 8.26 8.21 49.76
N LYS E 31 8.47 9.48 50.11
CA LYS E 31 7.37 10.40 50.31
C LYS E 31 6.59 10.63 49.02
N ALA E 32 7.30 10.94 47.93
CA ALA E 32 6.62 11.23 46.68
C ALA E 32 6.00 9.99 46.05
N ALA E 33 6.63 8.83 46.23
CA ALA E 33 6.03 7.59 45.78
C ALA E 33 4.73 7.30 46.54
N ALA E 34 4.73 7.51 47.86
CA ALA E 34 3.51 7.34 48.62
C ALA E 34 2.44 8.34 48.21
N ASP E 35 2.85 9.55 47.83
CA ASP E 35 1.88 10.54 47.37
C ASP E 35 1.21 10.12 46.07
N LEU E 36 2.00 9.66 45.10
CA LEU E 36 1.44 9.14 43.86
C LEU E 36 0.51 7.96 44.14
N MET E 37 0.91 7.08 45.05
CA MET E 37 0.09 5.95 45.44
C MET E 37 -1.24 6.39 46.04
N ALA E 38 -1.21 7.41 46.89
CA ALA E 38 -2.42 7.88 47.56
C ALA E 38 -3.37 8.54 46.56
N TYR E 39 -2.82 9.30 45.61
CA TYR E 39 -3.67 9.86 44.57
C TYR E 39 -4.29 8.78 43.71
N CYS E 40 -3.49 7.75 43.37
CA CYS E 40 -4.01 6.69 42.50
C CYS E 40 -5.09 5.88 43.19
N GLU E 41 -4.99 5.69 44.51
CA GLU E 41 -6.02 4.93 45.20
C GLU E 41 -7.23 5.79 45.54
N ALA E 42 -7.06 7.10 45.69
CA ALA E 42 -8.17 7.95 46.06
C ALA E 42 -9.10 8.27 44.89
N HIS E 43 -8.64 8.05 43.65
CA HIS E 43 -9.40 8.38 42.46
C HIS E 43 -9.66 7.15 41.59
N ALA E 44 -9.53 5.95 42.16
CA ALA E 44 -9.65 4.73 41.37
C ALA E 44 -11.09 4.45 40.96
N LYS E 45 -12.07 4.97 41.70
CA LYS E 45 -13.46 4.73 41.38
C LYS E 45 -13.95 5.54 40.19
N GLU E 46 -13.31 6.67 39.88
CA GLU E 46 -13.73 7.56 38.81
C GLU E 46 -12.85 7.42 37.57
N ASP E 47 -12.39 6.21 37.27
CA ASP E 47 -11.61 5.95 36.06
C ASP E 47 -12.35 4.94 35.20
N PRO E 48 -12.95 5.36 34.09
CA PRO E 48 -13.61 4.40 33.21
C PRO E 48 -12.67 3.41 32.54
N LEU E 49 -11.40 3.79 32.33
CA LEU E 49 -10.48 2.86 31.68
C LEU E 49 -9.99 1.80 32.64
N LEU E 50 -9.83 2.14 33.91
CA LEU E 50 -9.39 1.15 34.89
C LEU E 50 -10.54 0.29 35.39
N THR E 51 -11.71 0.87 35.57
CA THR E 51 -12.92 0.15 35.97
C THR E 51 -14.01 0.51 34.98
N PRO E 52 -14.24 -0.31 33.95
CA PRO E 52 -15.20 0.04 32.90
C PRO E 52 -16.59 0.27 33.44
N VAL E 53 -17.34 1.12 32.73
CA VAL E 53 -18.65 1.61 33.15
C VAL E 53 -19.69 0.67 32.58
N PRO E 54 -20.84 0.50 33.24
CA PRO E 54 -21.95 -0.23 32.62
C PRO E 54 -22.30 0.31 31.23
N ALA E 55 -22.70 -0.61 30.34
CA ALA E 55 -22.84 -0.29 28.93
C ALA E 55 -23.91 0.77 28.68
N SER E 56 -24.90 0.87 29.56
CA SER E 56 -25.93 1.89 29.39
C SER E 56 -25.38 3.29 29.66
N GLU E 57 -24.34 3.39 30.49
CA GLU E 57 -23.72 4.66 30.84
C GLU E 57 -22.49 4.97 29.99
N ASN E 58 -22.46 4.50 28.75
CA ASN E 58 -21.29 4.58 27.89
C ASN E 58 -21.69 5.34 26.62
N PRO E 59 -21.08 6.48 26.34
CA PRO E 59 -21.49 7.24 25.16
C PRO E 59 -21.06 6.64 23.85
N PHE E 60 -20.11 5.70 23.86
CA PHE E 60 -19.52 5.25 22.60
C PHE E 60 -20.10 3.94 22.11
N ARG E 61 -21.02 3.34 22.87
CA ARG E 61 -22.00 2.42 22.30
C ARG E 61 -23.17 2.29 23.25
N GLU E 62 -24.32 2.82 22.83
CA GLU E 62 -25.57 2.79 23.59
C GLU E 62 -25.40 3.37 24.98
N GLN F 1 23.74 10.45 32.49
CA GLN F 1 23.69 11.29 31.30
C GLN F 1 24.53 10.71 30.18
N VAL F 2 24.11 10.97 28.94
CA VAL F 2 24.89 10.57 27.77
C VAL F 2 26.15 11.44 27.73
N GLN F 3 27.30 10.85 28.06
CA GLN F 3 28.55 11.59 28.13
C GLN F 3 29.64 10.83 27.39
N LEU F 4 30.43 11.58 26.62
CA LEU F 4 31.54 11.03 25.86
C LEU F 4 32.81 11.80 26.21
N GLN F 5 33.86 11.10 26.56
CA GLN F 5 35.11 11.70 27.03
C GLN F 5 36.26 11.17 26.20
N GLU F 6 36.95 12.06 25.49
CA GLU F 6 38.07 11.70 24.65
C GLU F 6 39.39 11.93 25.37
N SER F 7 40.43 11.31 24.86
CA SER F 7 41.78 11.44 25.39
C SER F 7 42.76 10.93 24.36
N GLY F 8 44.02 11.33 24.52
CA GLY F 8 45.10 10.82 23.69
C GLY F 8 45.64 11.79 22.67
N GLY F 9 45.20 13.04 22.66
CA GLY F 9 45.73 14.02 21.75
C GLY F 9 47.15 14.41 22.11
N GLY F 10 47.67 15.37 21.37
CA GLY F 10 48.99 15.88 21.67
C GLY F 10 49.72 16.30 20.40
N LEU F 11 51.04 16.26 20.49
CA LEU F 11 51.93 16.72 19.44
C LEU F 11 52.69 15.55 18.85
N VAL F 12 52.69 15.47 17.52
CA VAL F 12 53.44 14.46 16.80
C VAL F 12 54.16 15.15 15.65
N GLN F 13 55.48 15.13 15.69
CA GLN F 13 56.24 15.60 14.54
C GLN F 13 55.92 14.70 13.36
N PRO F 14 55.68 15.26 12.15
CA PRO F 14 55.15 14.47 11.03
C PRO F 14 55.76 13.11 10.80
N GLY F 15 54.90 12.10 10.64
CA GLY F 15 55.32 10.74 10.43
C GLY F 15 55.10 9.83 11.62
N GLY F 16 54.76 10.37 12.78
CA GLY F 16 54.58 9.57 13.98
C GLY F 16 53.25 8.87 14.05
N SER F 17 52.82 8.56 15.27
CA SER F 17 51.61 7.78 15.50
C SER F 17 51.02 8.14 16.85
N LEU F 18 49.69 8.14 16.91
CA LEU F 18 48.96 8.38 18.14
C LEU F 18 47.78 7.42 18.24
N ARG F 19 47.25 7.30 19.46
CA ARG F 19 46.06 6.52 19.73
C ARG F 19 45.07 7.39 20.49
N LEU F 20 43.86 7.51 19.97
CA LEU F 20 42.79 8.26 20.61
C LEU F 20 41.80 7.31 21.26
N SER F 21 41.41 7.62 22.49
CA SER F 21 40.42 6.84 23.22
C SER F 21 39.18 7.68 23.48
N CYS F 22 38.06 7.01 23.70
CA CYS F 22 36.78 7.66 23.95
C CYS F 22 36.03 6.84 25.00
N ALA F 23 35.88 7.40 26.20
CA ALA F 23 35.14 6.75 27.27
C ALA F 23 33.68 7.18 27.21
N ALA F 24 32.78 6.20 27.28
CA ALA F 24 31.36 6.44 27.09
C ALA F 24 30.58 5.91 28.29
N SER F 25 29.85 6.79 28.96
CA SER F 25 28.94 6.42 30.02
C SER F 25 27.57 7.02 29.73
N GLY F 26 26.54 6.35 30.23
CA GLY F 26 25.19 6.88 30.17
C GLY F 26 24.29 6.26 29.13
N PHE F 27 24.68 5.16 28.51
CA PHE F 27 23.83 4.50 27.52
C PHE F 27 24.37 3.10 27.28
N THR F 28 23.56 2.28 26.61
CA THR F 28 23.94 0.93 26.23
C THR F 28 24.87 1.00 25.03
N PHE F 29 26.17 0.91 25.29
CA PHE F 29 27.19 1.14 24.27
C PHE F 29 27.10 0.17 23.11
N SER F 30 26.50 -1.00 23.32
CA SER F 30 26.47 -2.04 22.30
C SER F 30 25.37 -1.82 21.26
N ASN F 31 24.38 -1.00 21.54
CA ASN F 31 23.26 -0.80 20.64
C ASN F 31 23.49 0.32 19.64
N TYR F 32 24.64 0.97 19.68
CA TYR F 32 24.84 2.23 18.97
C TYR F 32 26.04 2.14 18.04
N LYS F 33 25.85 2.62 16.82
CA LYS F 33 26.93 2.83 15.88
C LYS F 33 27.69 4.09 16.25
N MET F 34 29.01 4.04 16.23
CA MET F 34 29.85 5.14 16.67
C MET F 34 30.60 5.74 15.49
N ASN F 35 31.04 6.98 15.67
CA ASN F 35 31.69 7.76 14.62
C ASN F 35 32.91 8.47 15.18
N TRP F 36 33.75 8.96 14.28
CA TRP F 36 34.85 9.85 14.62
C TRP F 36 34.79 11.02 13.65
N VAL F 37 34.60 12.23 14.17
CA VAL F 37 34.54 13.42 13.35
C VAL F 37 35.57 14.43 13.84
N ARG F 38 36.10 15.22 12.90
CA ARG F 38 37.15 16.17 13.23
C ARG F 38 36.82 17.55 12.68
N GLN F 39 37.57 18.54 13.15
CA GLN F 39 37.40 19.92 12.71
C GLN F 39 38.78 20.55 12.54
N ALA F 40 39.15 20.81 11.30
CA ALA F 40 40.38 21.51 10.99
C ALA F 40 40.22 23.01 11.25
N PRO F 41 41.31 23.73 11.52
CA PRO F 41 41.18 25.16 11.83
C PRO F 41 40.67 25.95 10.65
N GLY F 42 39.62 26.74 10.89
CA GLY F 42 38.99 27.47 9.82
C GLY F 42 38.24 26.62 8.82
N LYS F 43 37.70 25.49 9.25
CA LYS F 43 36.97 24.56 8.41
C LYS F 43 35.72 24.12 9.15
N GLY F 44 34.95 23.22 8.52
CA GLY F 44 33.79 22.63 9.15
C GLY F 44 34.06 21.21 9.61
N LEU F 45 33.04 20.63 10.23
CA LEU F 45 33.15 19.27 10.73
C LEU F 45 33.16 18.27 9.59
N GLU F 46 34.14 17.39 9.61
CA GLU F 46 34.30 16.35 8.60
C GLU F 46 34.14 15.00 9.24
N TRP F 47 33.85 13.99 8.41
CA TRP F 47 33.63 12.64 8.88
C TRP F 47 34.85 11.78 8.58
N VAL F 48 35.35 11.09 9.60
CA VAL F 48 36.58 10.32 9.47
C VAL F 48 36.26 8.83 9.36
N SER F 49 35.55 8.26 10.33
CA SER F 49 35.30 6.83 10.31
C SER F 49 34.09 6.50 11.18
N ASP F 50 33.58 5.28 10.98
CA ASP F 50 32.45 4.78 11.75
C ASP F 50 32.59 3.28 11.93
N ILE F 51 31.87 2.75 12.91
CA ILE F 51 31.91 1.33 13.23
C ILE F 51 30.54 0.92 13.76
N SER F 52 30.13 -0.29 13.43
CA SER F 52 28.76 -0.73 13.71
C SER F 52 28.62 -1.13 15.18
N GLN F 53 27.45 -1.71 15.50
CA GLN F 53 27.19 -2.17 16.86
C GLN F 53 28.16 -3.25 17.28
N SER F 54 28.26 -4.32 16.50
CA SER F 54 29.40 -5.22 16.52
C SER F 54 30.36 -4.73 15.46
N GLY F 55 31.66 -4.87 15.72
CA GLY F 55 32.64 -4.31 14.79
C GLY F 55 32.74 -5.06 13.48
N ALA F 56 31.61 -5.20 12.79
CA ALA F 56 31.59 -5.97 11.55
C ALA F 56 31.77 -5.07 10.35
N SER F 57 30.95 -4.05 10.22
CA SER F 57 31.06 -3.07 9.15
C SER F 57 31.87 -1.89 9.63
N ILE F 58 32.94 -1.57 8.90
CA ILE F 58 33.84 -0.48 9.21
C ILE F 58 34.06 0.34 7.95
N SER F 59 34.04 1.67 8.09
CA SER F 59 34.24 2.56 6.95
C SER F 59 35.17 3.71 7.33
N TYR F 60 35.88 4.21 6.33
CA TYR F 60 36.75 5.37 6.49
C TYR F 60 36.57 6.30 5.30
N THR F 61 36.91 7.57 5.50
CA THR F 61 37.02 8.47 4.37
C THR F 61 38.33 8.21 3.64
N GLY F 62 38.38 8.63 2.37
CA GLY F 62 39.49 8.24 1.51
C GLY F 62 40.82 8.82 1.91
N SER F 63 40.82 9.99 2.56
CA SER F 63 42.08 10.63 2.91
C SER F 63 42.80 9.92 4.06
N VAL F 64 42.15 8.98 4.75
CA VAL F 64 42.74 8.29 5.89
C VAL F 64 42.79 6.78 5.70
N LYS F 65 42.38 6.28 4.55
CA LYS F 65 42.36 4.84 4.33
C LYS F 65 43.77 4.29 4.26
N GLY F 66 44.02 3.23 5.01
CA GLY F 66 45.35 2.66 5.15
C GLY F 66 46.18 3.27 6.25
N ARG F 67 45.66 4.27 6.96
CA ARG F 67 46.40 4.94 8.01
C ARG F 67 45.71 4.89 9.36
N PHE F 68 44.38 4.87 9.40
CA PHE F 68 43.65 4.85 10.66
C PHE F 68 42.91 3.52 10.80
N THR F 69 42.77 3.06 12.04
CA THR F 69 41.99 1.87 12.35
C THR F 69 41.07 2.18 13.52
N ILE F 70 39.77 2.05 13.30
CA ILE F 70 38.77 2.24 14.34
C ILE F 70 38.46 0.88 14.96
N SER F 71 38.17 0.88 16.24
CA SER F 71 37.88 -0.36 16.95
C SER F 71 37.00 -0.06 18.16
N ARG F 72 36.20 -1.05 18.55
CA ARG F 72 35.36 -0.98 19.73
C ARG F 72 35.91 -1.88 20.82
N ASP F 73 35.33 -1.73 22.00
CA ASP F 73 35.42 -2.74 23.07
C ASP F 73 34.10 -2.61 23.83
N ASN F 74 33.11 -3.42 23.44
CA ASN F 74 31.77 -3.28 23.98
C ASN F 74 31.69 -3.64 25.45
N ALA F 75 32.70 -4.30 26.00
CA ALA F 75 32.69 -4.68 27.40
C ALA F 75 33.13 -3.54 28.31
N LYS F 76 34.16 -2.79 27.92
CA LYS F 76 34.69 -1.72 28.74
C LYS F 76 34.25 -0.34 28.31
N ASN F 77 33.28 -0.25 27.39
CA ASN F 77 32.62 1.01 27.01
C ASN F 77 33.63 2.04 26.50
N THR F 78 34.45 1.61 25.56
CA THR F 78 35.50 2.46 25.01
C THR F 78 35.57 2.31 23.51
N LEU F 79 36.04 3.36 22.85
CA LEU F 79 36.21 3.42 21.41
C LEU F 79 37.60 3.94 21.10
N TYR F 80 38.21 3.41 20.05
CA TYR F 80 39.60 3.74 19.73
C TYR F 80 39.74 4.16 18.27
N LEU F 81 40.79 4.94 18.03
CA LEU F 81 41.24 5.28 16.68
C LEU F 81 42.76 5.28 16.71
N GLN F 82 43.37 4.39 15.93
CA GLN F 82 44.83 4.32 15.85
C GLN F 82 45.29 5.13 14.63
N MET F 83 45.88 6.29 14.90
CA MET F 83 46.31 7.21 13.85
C MET F 83 47.78 6.93 13.53
N ASN F 84 48.01 6.27 12.40
CA ASN F 84 49.34 5.86 11.97
C ASN F 84 49.76 6.69 10.75
N SER F 85 51.04 7.06 10.72
CA SER F 85 51.66 7.78 9.60
C SER F 85 50.95 9.11 9.33
N LEU F 86 51.05 10.00 10.31
CA LEU F 86 50.31 11.25 10.27
C LEU F 86 50.96 12.24 9.31
N LYS F 87 50.15 12.76 8.40
CA LYS F 87 50.49 13.87 7.52
C LYS F 87 50.23 15.19 8.24
N PRO F 88 50.90 16.28 7.83
CA PRO F 88 50.69 17.55 8.53
C PRO F 88 49.32 18.17 8.29
N GLU F 89 48.51 17.60 7.41
CA GLU F 89 47.16 18.11 7.19
C GLU F 89 46.12 17.40 8.03
N ASP F 90 46.54 16.51 8.93
CA ASP F 90 45.64 15.83 9.84
C ASP F 90 45.42 16.59 11.14
N THR F 91 45.97 17.78 11.28
CA THR F 91 45.81 18.55 12.51
C THR F 91 44.38 19.07 12.61
N ALA F 92 43.73 18.75 13.72
CA ALA F 92 42.30 19.00 13.90
C ALA F 92 41.93 18.62 15.33
N VAL F 93 40.77 19.08 15.76
CA VAL F 93 40.15 18.60 16.99
C VAL F 93 39.29 17.40 16.64
N TYR F 94 39.56 16.26 17.27
CA TYR F 94 38.87 15.01 16.94
C TYR F 94 37.78 14.73 17.97
N TYR F 95 36.56 14.52 17.48
CA TYR F 95 35.40 14.31 18.32
C TYR F 95 34.89 12.88 18.20
N CYS F 96 34.40 12.34 19.32
CA CYS F 96 33.80 11.02 19.37
C CYS F 96 32.29 11.21 19.35
N ALA F 97 31.65 10.79 18.26
CA ALA F 97 30.23 11.02 18.04
C ALA F 97 29.45 9.72 18.02
N ARG F 98 28.18 9.81 18.38
CA ARG F 98 27.28 8.67 18.49
C ARG F 98 26.07 8.90 17.60
N CYS F 99 25.65 7.87 16.91
CA CYS F 99 24.42 7.94 16.14
C CYS F 99 23.24 8.11 17.09
N PRO F 100 22.19 8.83 16.67
CA PRO F 100 21.16 9.25 17.64
C PRO F 100 20.21 8.16 18.09
N ALA F 101 20.21 6.98 17.46
CA ALA F 101 19.17 6.02 17.71
C ALA F 101 19.73 4.60 17.74
N PRO F 102 19.24 3.76 18.65
CA PRO F 102 19.69 2.37 18.68
C PRO F 102 19.06 1.55 17.56
N PHE F 103 19.80 0.51 17.15
CA PHE F 103 19.34 -0.48 16.19
C PHE F 103 19.01 0.15 14.84
N THR F 104 19.91 1.00 14.36
CA THR F 104 19.71 1.68 13.09
C THR F 104 20.99 1.61 12.27
N ARG F 105 20.82 1.71 10.95
CA ARG F 105 21.95 1.79 10.03
C ARG F 105 22.25 3.21 9.58
N ASP F 106 21.28 4.12 9.69
CA ASP F 106 21.46 5.50 9.27
C ASP F 106 21.91 6.36 10.44
N CYS F 107 22.79 7.31 10.17
CA CYS F 107 23.21 8.33 11.14
C CYS F 107 23.15 9.68 10.43
N PHE F 108 22.16 10.49 10.79
CA PHE F 108 21.89 11.69 10.00
C PHE F 108 22.88 12.81 10.27
N ASP F 109 22.95 13.30 11.50
CA ASP F 109 23.44 14.65 11.70
C ASP F 109 24.61 14.68 12.69
N VAL F 110 25.57 13.78 12.49
CA VAL F 110 26.73 13.71 13.35
C VAL F 110 27.67 14.88 13.13
N THR F 111 27.77 15.38 11.90
CA THR F 111 28.66 16.49 11.57
C THR F 111 27.96 17.85 11.60
N SER F 112 26.96 18.02 12.46
CA SER F 112 26.28 19.30 12.57
C SER F 112 26.93 20.17 13.63
N THR F 113 26.64 21.47 13.56
CA THR F 113 27.30 22.42 14.45
C THR F 113 26.86 22.22 15.89
N THR F 114 25.57 21.95 16.11
CA THR F 114 25.03 21.73 17.44
C THR F 114 24.41 20.34 17.48
N TYR F 115 25.22 19.35 17.79
CA TYR F 115 24.79 17.96 17.91
C TYR F 115 25.04 17.51 19.34
N ALA F 116 24.02 16.90 19.95
CA ALA F 116 24.05 16.71 21.40
C ALA F 116 24.93 15.54 21.78
N TYR F 117 24.99 14.50 20.96
CA TYR F 117 25.63 13.24 21.32
C TYR F 117 27.06 13.21 20.78
N ARG F 118 27.87 14.14 21.30
CA ARG F 118 29.23 14.31 20.82
C ARG F 118 30.04 15.04 21.89
N GLY F 119 31.25 14.52 22.14
CA GLY F 119 32.08 15.06 23.19
C GLY F 119 32.76 16.36 22.82
N GLN F 120 33.48 16.93 23.79
CA GLN F 120 34.15 18.20 23.58
C GLN F 120 35.37 18.09 22.69
N GLY F 121 35.98 16.91 22.59
CA GLY F 121 37.01 16.65 21.61
C GLY F 121 38.40 16.74 22.18
N THR F 122 39.35 16.25 21.39
CA THR F 122 40.77 16.30 21.72
C THR F 122 41.54 16.88 20.54
N GLN F 123 42.56 17.65 20.87
CA GLN F 123 43.33 18.37 19.86
C GLN F 123 44.64 17.62 19.58
N VAL F 124 44.77 17.11 18.37
CA VAL F 124 46.02 16.55 17.88
C VAL F 124 46.65 17.57 16.95
N THR F 125 47.94 17.81 17.11
CA THR F 125 48.68 18.77 16.30
C THR F 125 49.91 18.11 15.71
N VAL F 126 50.05 18.19 14.40
CA VAL F 126 51.22 17.67 13.72
C VAL F 126 52.09 18.82 13.25
#